data_4EOP
#
_entry.id   4EOP
#
_cell.length_a   74.780
_cell.length_b   133.390
_cell.length_c   147.680
_cell.angle_alpha   90.00
_cell.angle_beta   90.00
_cell.angle_gamma   90.00
#
_symmetry.space_group_name_H-M   'P 21 21 21'
#
loop_
_entity.id
_entity.type
_entity.pdbx_description
1 polymer 'Cyclin-dependent kinase 2'
2 polymer Cyclin-A2
3 non-polymer (5E)-5-(quinolin-6-ylmethylidene)-2-[(thiophen-2-ylmethyl)amino]-1,3-thiazol-4(5H)-one
4 non-polymer MONOTHIOGLYCEROL
5 non-polymer 'MAGNESIUM ION'
6 water water
#
loop_
_entity_poly.entity_id
_entity_poly.type
_entity_poly.pdbx_seq_one_letter_code
_entity_poly.pdbx_strand_id
1 'polypeptide(L)'
;PGSMENFQKVEKIGEGTYGVVYKARNKLTGEVVALKKIRLDTETEGVPSTAIREISLLKELNHPNIVKLLDVIHTENKLY
LVFEFLHQDLKKFMDASALTGIPLPLIKSYLFQLLQGLAFCHSHRVLHRDLKPENLLINTEGAIKLADFGLARAFGVPVR
TY(TPO)HEVVTLWYRAPEILLGCKYYSTAVDIWSLGCIFAEMVTRRALFPGDSEIDQLFRIFRTLGTPDEVVWPGVTSM
PDYKPSFPKWARQDFSKVVPPLDEDGRSLLSQMLHYDPNKRISAKAALAHPFFQDVTKPVPHLR
;
A,C
2 'polypeptide(L)'
;VPDYHEDIHTYLREMEVKCKPKVGYMKKQPDITNSMRAILVDWLVEVGEEYKLQNETLHLAVNYIDRFLSSMSVLRGKLQ
LVGTAAMLLASKFEEIYPPEVAEFVYITDDTYTKKQVLRMEHLVLKVLTFDLAAPTVNQFLTQYFLHQQPANCKVESLAM
FLGELSLIDADPYLKYLPSVIAGAAFHLALYTVTGQSWPESLIRKTGYTLESLKPCLMDLHQTYLKAPQHAQQSIREKYK
NSKYHGVSLLNPPETLNL
;
B,D
#
loop_
_chem_comp.id
_chem_comp.type
_chem_comp.name
_chem_comp.formula
1RO non-polymer (5E)-5-(quinolin-6-ylmethylidene)-2-[(thiophen-2-ylmethyl)amino]-1,3-thiazol-4(5H)-one 'C18 H13 N3 O S2'
MG non-polymer 'MAGNESIUM ION' 'Mg 2'
SGM non-polymer MONOTHIOGLYCEROL 'C3 H8 O2 S'
#
# COMPACT_ATOMS: atom_id res chain seq x y z
N PRO A 1 7.12 2.61 -10.91
CA PRO A 1 5.89 1.99 -11.43
C PRO A 1 4.73 2.96 -11.75
N GLY A 2 4.86 3.85 -12.75
CA GLY A 2 6.14 4.30 -13.33
C GLY A 2 6.83 3.52 -14.44
N SER A 3 7.04 4.18 -15.58
CA SER A 3 7.78 3.62 -16.72
C SER A 3 8.43 4.74 -17.55
N MET A 4 9.70 4.56 -17.91
CA MET A 4 10.46 5.63 -18.62
C MET A 4 9.93 5.99 -20.02
N GLU A 5 9.14 5.09 -20.60
CA GLU A 5 8.46 5.31 -21.88
C GLU A 5 7.62 6.60 -21.88
N ASN A 6 7.03 6.91 -20.74
CA ASN A 6 6.07 8.03 -20.64
C ASN A 6 6.71 9.40 -20.41
N PHE A 7 8.02 9.43 -20.15
CA PHE A 7 8.73 10.68 -19.91
C PHE A 7 9.59 11.10 -21.10
N GLN A 8 9.59 12.39 -21.37
CA GLN A 8 10.41 12.99 -22.41
C GLN A 8 11.39 13.91 -21.72
N LYS A 9 12.68 13.60 -21.80
CA LYS A 9 13.71 14.45 -21.22
C LYS A 9 13.74 15.78 -21.94
N VAL A 10 13.90 16.85 -21.17
CA VAL A 10 13.94 18.20 -21.70
C VAL A 10 15.38 18.72 -21.72
N GLU A 11 16.05 18.67 -20.56
CA GLU A 11 17.43 19.15 -20.43
C GLU A 11 18.09 18.61 -19.16
N LYS A 12 19.42 18.59 -19.15
CA LYS A 12 20.16 18.32 -17.93
C LYS A 12 20.16 19.61 -17.09
N ILE A 13 19.81 19.48 -15.81
CA ILE A 13 19.81 20.64 -14.91
C ILE A 13 21.14 20.75 -14.18
N GLY A 14 21.65 19.60 -13.73
CA GLY A 14 22.91 19.57 -13.02
C GLY A 14 23.10 18.30 -12.24
N GLU A 15 24.06 18.35 -11.33
CA GLU A 15 24.49 17.20 -10.58
C GLU A 15 24.32 17.49 -9.09
N GLY A 16 23.73 16.56 -8.37
CA GLY A 16 23.50 16.71 -6.93
C GLY A 16 24.57 16.05 -6.09
N THR A 17 24.22 15.75 -4.84
N THR A 17 24.23 15.72 -4.85
CA THR A 17 25.10 14.99 -3.94
CA THR A 17 25.13 15.00 -3.95
C THR A 17 25.52 13.67 -4.59
C THR A 17 25.48 13.61 -4.51
N TYR A 18 24.61 13.09 -5.36
CA TYR A 18 24.88 11.92 -6.19
C TYR A 18 23.95 12.02 -7.38
N GLY A 19 24.22 11.23 -8.42
CA GLY A 19 23.33 11.15 -9.58
C GLY A 19 23.33 12.41 -10.42
N VAL A 20 22.59 12.37 -11.53
CA VAL A 20 22.38 13.57 -12.40
C VAL A 20 20.90 13.93 -12.49
N VAL A 21 20.60 15.22 -12.43
CA VAL A 21 19.21 15.71 -12.42
C VAL A 21 18.81 16.29 -13.77
N TYR A 22 17.70 15.80 -14.32
CA TYR A 22 17.15 16.26 -15.60
C TYR A 22 15.77 16.81 -15.42
N LYS A 23 15.42 17.80 -16.23
CA LYS A 23 14.04 18.25 -16.38
C LYS A 23 13.39 17.35 -17.43
N ALA A 24 12.17 16.89 -17.14
CA ALA A 24 11.43 16.06 -18.11
C ALA A 24 9.92 16.29 -18.06
N ARG A 25 9.21 15.69 -19.01
CA ARG A 25 7.78 15.87 -19.09
C ARG A 25 7.07 14.53 -19.19
N ASN A 26 6.10 14.29 -18.30
CA ASN A 26 5.16 13.18 -18.46
C ASN A 26 4.28 13.42 -19.70
N LYS A 27 4.45 12.56 -20.70
CA LYS A 27 3.75 12.72 -21.98
C LYS A 27 2.23 12.50 -21.90
N LEU A 28 1.78 11.77 -20.88
CA LEU A 28 0.37 11.44 -20.77
C LEU A 28 -0.44 12.44 -19.90
N THR A 29 0.12 12.85 -18.76
CA THR A 29 -0.54 13.81 -17.85
C THR A 29 -0.11 15.26 -18.10
N GLY A 30 1.02 15.44 -18.79
CA GLY A 30 1.59 16.75 -19.02
C GLY A 30 2.49 17.24 -17.88
N GLU A 31 2.51 16.55 -16.74
CA GLU A 31 3.32 17.04 -15.60
C GLU A 31 4.80 17.19 -15.97
N VAL A 32 5.35 18.37 -15.67
CA VAL A 32 6.80 18.58 -15.74
C VAL A 32 7.43 17.98 -14.46
N VAL A 33 8.45 17.14 -14.64
CA VAL A 33 9.08 16.44 -13.50
C VAL A 33 10.61 16.64 -13.52
N ALA A 34 11.23 16.39 -12.37
CA ALA A 34 12.67 16.26 -12.34
C ALA A 34 12.97 14.77 -12.25
N LEU A 35 13.97 14.35 -13.01
CA LEU A 35 14.45 12.98 -12.94
C LEU A 35 15.86 13.01 -12.39
N LYS A 36 16.11 12.21 -11.35
CA LYS A 36 17.46 12.02 -10.84
C LYS A 36 17.96 10.65 -11.30
N LYS A 37 18.92 10.66 -12.22
CA LYS A 37 19.42 9.42 -12.80
C LYS A 37 20.62 8.89 -12.02
N ILE A 38 20.57 7.62 -11.64
CA ILE A 38 21.72 6.95 -11.01
C ILE A 38 22.08 5.73 -11.85
N ARG A 39 23.35 5.63 -12.26
CA ARG A 39 23.82 4.48 -13.04
C ARG A 39 24.24 3.35 -12.09
N LEU A 40 23.62 2.19 -12.25
CA LEU A 40 23.87 1.08 -11.32
C LEU A 40 25.14 0.28 -11.60
N ASP A 41 25.76 0.53 -12.75
CA ASP A 41 27.03 -0.10 -13.09
C ASP A 41 28.21 0.64 -12.41
N THR A 42 28.21 0.62 -11.07
CA THR A 42 29.26 1.26 -10.26
C THR A 42 29.44 0.47 -8.96
N GLU A 45 29.17 -2.77 -7.18
CA GLU A 45 28.95 -2.41 -5.78
C GLU A 45 27.48 -2.27 -5.39
N GLY A 46 26.57 -2.49 -6.35
CA GLY A 46 25.13 -2.44 -6.09
C GLY A 46 24.57 -1.03 -5.94
N VAL A 47 23.35 -0.94 -5.41
CA VAL A 47 22.67 0.34 -5.20
C VAL A 47 23.41 1.15 -4.13
N PRO A 48 23.76 2.42 -4.43
CA PRO A 48 24.52 3.28 -3.51
C PRO A 48 23.76 3.60 -2.23
N SER A 49 24.48 3.69 -1.12
CA SER A 49 23.89 4.03 0.17
C SER A 49 23.16 5.37 0.14
N THR A 50 23.70 6.32 -0.62
CA THR A 50 23.07 7.64 -0.76
C THR A 50 21.65 7.51 -1.34
N ALA A 51 21.49 6.69 -2.37
CA ALA A 51 20.20 6.50 -2.99
C ALA A 51 19.25 5.75 -2.07
N ILE A 52 19.75 4.69 -1.44
CA ILE A 52 18.97 3.90 -0.48
C ILE A 52 18.40 4.79 0.63
N ARG A 53 19.26 5.62 1.23
CA ARG A 53 18.84 6.56 2.26
C ARG A 53 17.88 7.64 1.72
N GLU A 54 18.23 8.29 0.61
CA GLU A 54 17.31 9.34 0.09
C GLU A 54 15.92 8.76 -0.23
N ILE A 55 15.87 7.66 -0.99
CA ILE A 55 14.58 7.07 -1.35
C ILE A 55 13.78 6.70 -0.09
N SER A 56 14.40 5.93 0.80
N SER A 56 14.40 5.93 0.80
CA SER A 56 13.71 5.47 2.01
CA SER A 56 13.71 5.48 2.00
C SER A 56 13.14 6.63 2.82
C SER A 56 13.14 6.62 2.82
N LEU A 57 13.94 7.69 2.99
CA LEU A 57 13.54 8.83 3.81
C LEU A 57 12.53 9.74 3.12
N LEU A 58 12.74 10.02 1.84
CA LEU A 58 11.80 10.86 1.11
C LEU A 58 10.43 10.20 0.97
N LYS A 59 10.38 8.87 0.89
CA LYS A 59 9.09 8.19 0.84
C LYS A 59 8.28 8.40 2.12
N GLU A 60 8.97 8.64 3.23
CA GLU A 60 8.35 8.91 4.53
C GLU A 60 7.92 10.38 4.67
N LEU A 61 8.73 11.28 4.11
CA LEU A 61 8.57 12.70 4.36
C LEU A 61 7.62 13.38 3.37
N ASN A 62 6.36 13.55 3.79
CA ASN A 62 5.35 14.24 3.01
C ASN A 62 5.00 15.56 3.67
N HIS A 63 5.54 16.64 3.15
CA HIS A 63 5.36 17.96 3.75
C HIS A 63 5.46 19.03 2.68
N PRO A 64 4.69 20.13 2.82
CA PRO A 64 4.69 21.14 1.75
C PRO A 64 6.05 21.75 1.45
N ASN A 65 6.98 21.71 2.40
CA ASN A 65 8.33 22.30 2.20
C ASN A 65 9.47 21.29 2.08
N ILE A 66 9.11 20.09 1.63
CA ILE A 66 10.10 19.06 1.30
C ILE A 66 9.73 18.59 -0.11
N VAL A 67 10.73 18.53 -0.98
CA VAL A 67 10.52 18.10 -2.35
C VAL A 67 9.70 16.79 -2.40
N LYS A 68 8.77 16.70 -3.35
CA LYS A 68 7.89 15.54 -3.47
C LYS A 68 8.49 14.46 -4.37
N LEU A 69 8.87 13.32 -3.78
CA LEU A 69 9.31 12.15 -4.53
C LEU A 69 8.07 11.44 -5.07
N LEU A 70 7.93 11.36 -6.39
CA LEU A 70 6.71 10.84 -7.03
C LEU A 70 6.79 9.34 -7.33
N ASP A 71 7.96 8.89 -7.75
CA ASP A 71 8.10 7.50 -8.19
C ASP A 71 9.58 7.13 -8.23
N VAL A 72 9.85 5.83 -8.21
CA VAL A 72 11.18 5.29 -8.40
C VAL A 72 11.09 4.24 -9.52
N ILE A 73 11.83 4.46 -10.62
CA ILE A 73 11.83 3.54 -11.77
C ILE A 73 13.14 2.74 -11.82
N HIS A 74 13.00 1.42 -11.63
CA HIS A 74 14.08 0.49 -11.29
C HIS A 74 13.62 -0.81 -11.87
N THR A 75 14.47 -1.56 -12.58
CA THR A 75 15.86 -1.24 -12.92
C THR A 75 16.14 -1.58 -14.39
N GLU A 76 17.17 -0.95 -14.95
CA GLU A 76 17.59 -1.12 -16.35
C GLU A 76 19.08 -0.82 -16.47
N ASN A 77 19.83 -1.28 -15.45
CA ASN A 77 21.17 -0.77 -15.13
C ASN A 77 21.15 0.70 -14.70
N LYS A 78 19.94 1.27 -14.65
CA LYS A 78 19.73 2.63 -14.21
C LYS A 78 18.58 2.71 -13.19
N LEU A 79 18.74 3.62 -12.24
CA LEU A 79 17.71 3.94 -11.28
C LEU A 79 17.32 5.41 -11.47
N TYR A 80 16.01 5.67 -11.62
CA TYR A 80 15.51 7.03 -11.78
C TYR A 80 14.59 7.40 -10.65
N LEU A 81 14.89 8.50 -9.96
CA LEU A 81 13.94 9.07 -9.02
C LEU A 81 13.14 10.15 -9.74
N VAL A 82 11.83 10.09 -9.62
CA VAL A 82 10.94 11.07 -10.24
C VAL A 82 10.43 12.01 -9.17
N PHE A 83 10.67 13.31 -9.34
CA PHE A 83 10.23 14.36 -8.43
C PHE A 83 9.28 15.33 -9.14
N GLU A 84 8.42 16.00 -8.36
CA GLU A 84 7.70 17.18 -8.86
C GLU A 84 8.76 18.18 -9.33
N PHE A 85 8.49 18.91 -10.40
CA PHE A 85 9.37 19.97 -10.87
C PHE A 85 8.91 21.36 -10.35
N LEU A 86 9.82 22.10 -9.76
CA LEU A 86 9.46 23.40 -9.26
C LEU A 86 9.85 24.48 -10.26
N HIS A 87 10.81 25.32 -9.91
CA HIS A 87 11.26 26.38 -10.79
C HIS A 87 12.74 26.35 -10.93
N GLN A 88 13.45 26.54 -9.84
CA GLN A 88 14.89 26.74 -9.86
C GLN A 88 15.42 26.54 -8.42
N ASP A 89 16.67 26.08 -8.29
CA ASP A 89 17.28 26.06 -6.94
C ASP A 89 17.67 27.48 -6.47
N LEU A 90 17.83 27.65 -5.16
CA LEU A 90 18.05 28.97 -4.57
C LEU A 90 19.39 29.60 -4.98
N LYS A 91 20.41 28.77 -5.14
CA LYS A 91 21.71 29.24 -5.63
C LYS A 91 21.56 29.92 -7.01
N LYS A 92 20.89 29.26 -7.94
CA LYS A 92 20.69 29.84 -9.28
C LYS A 92 19.83 31.10 -9.21
N PHE A 93 18.78 31.06 -8.37
CA PHE A 93 17.93 32.21 -8.14
C PHE A 93 18.74 33.41 -7.70
N MET A 94 19.60 33.22 -6.70
CA MET A 94 20.46 34.30 -6.22
C MET A 94 21.45 34.77 -7.29
N ASP A 95 21.99 33.82 -8.07
CA ASP A 95 22.86 34.17 -9.20
C ASP A 95 22.12 34.98 -10.27
N ALA A 96 20.81 34.72 -10.41
CA ALA A 96 20.00 35.40 -11.42
C ALA A 96 19.39 36.70 -10.92
N SER A 97 19.52 36.98 -9.61
CA SER A 97 18.85 38.12 -9.00
C SER A 97 19.70 39.37 -9.03
N ALA A 98 19.10 40.49 -9.43
CA ALA A 98 19.73 41.79 -9.28
C ALA A 98 19.95 42.05 -7.78
N LEU A 99 20.85 42.97 -7.46
CA LEU A 99 21.22 43.22 -6.06
C LEU A 99 20.01 43.51 -5.18
N THR A 100 19.03 44.23 -5.71
CA THR A 100 17.80 44.55 -4.97
C THR A 100 16.66 43.52 -5.22
N GLY A 101 16.99 42.42 -5.91
CA GLY A 101 15.98 41.49 -6.42
C GLY A 101 15.35 40.52 -5.43
N ILE A 102 15.86 40.47 -4.20
CA ILE A 102 15.35 39.55 -3.15
C ILE A 102 14.93 40.31 -1.89
N PRO A 103 13.67 40.80 -1.87
CA PRO A 103 13.17 41.66 -0.80
C PRO A 103 13.11 40.93 0.55
N LEU A 104 13.26 41.68 1.63
CA LEU A 104 13.24 41.12 2.99
C LEU A 104 11.97 40.28 3.32
N PRO A 105 10.77 40.71 2.86
CA PRO A 105 9.57 39.87 3.04
C PRO A 105 9.62 38.49 2.38
N LEU A 106 10.26 38.41 1.21
CA LEU A 106 10.51 37.11 0.56
C LEU A 106 11.49 36.28 1.40
N ILE A 107 12.55 36.93 1.87
CA ILE A 107 13.52 36.25 2.74
C ILE A 107 12.83 35.68 3.99
N LYS A 108 12.06 36.52 4.67
CA LYS A 108 11.31 36.10 5.85
C LYS A 108 10.45 34.87 5.53
N SER A 109 9.69 34.96 4.45
CA SER A 109 8.81 33.85 4.03
C SER A 109 9.64 32.59 3.75
N TYR A 110 10.74 32.74 3.01
CA TYR A 110 11.59 31.58 2.71
C TYR A 110 12.14 30.92 3.96
N LEU A 111 12.70 31.73 4.88
CA LEU A 111 13.22 31.19 6.15
C LEU A 111 12.10 30.46 6.95
N PHE A 112 10.93 31.09 7.03
CA PHE A 112 9.78 30.50 7.76
C PHE A 112 9.44 29.12 7.20
N GLN A 113 9.38 29.01 5.89
CA GLN A 113 9.09 27.73 5.24
C GLN A 113 10.20 26.70 5.40
N LEU A 114 11.46 27.13 5.29
CA LEU A 114 12.60 26.21 5.49
C LEU A 114 12.58 25.66 6.90
N LEU A 115 12.25 26.52 7.88
CA LEU A 115 12.13 26.05 9.25
C LEU A 115 11.01 25.02 9.42
N GLN A 116 9.89 25.21 8.73
CA GLN A 116 8.77 24.25 8.77
C GLN A 116 9.23 22.91 8.22
N GLY A 117 9.87 22.94 7.05
CA GLY A 117 10.38 21.73 6.40
C GLY A 117 11.39 21.01 7.29
N LEU A 118 12.28 21.79 7.91
CA LEU A 118 13.32 21.23 8.77
C LEU A 118 12.74 20.65 10.08
N ALA A 119 11.81 21.38 10.70
CA ALA A 119 11.13 20.90 11.88
C ALA A 119 10.50 19.55 11.58
N PHE A 120 9.89 19.42 10.41
CA PHE A 120 9.26 18.16 10.00
C PHE A 120 10.29 17.01 9.87
N CYS A 121 11.39 17.26 9.17
CA CYS A 121 12.53 16.30 9.14
C CYS A 121 12.94 15.84 10.52
N HIS A 122 13.24 16.80 11.38
CA HIS A 122 13.77 16.47 12.73
C HIS A 122 12.77 15.71 13.60
N SER A 123 11.49 16.08 13.52
N SER A 123 11.48 16.07 13.53
CA SER A 123 10.40 15.38 14.21
CA SER A 123 10.44 15.35 14.27
C SER A 123 10.19 13.95 13.73
C SER A 123 10.18 13.94 13.72
N HIS A 124 10.69 13.68 12.52
CA HIS A 124 10.68 12.34 11.92
C HIS A 124 12.06 11.73 11.87
N ARG A 125 12.88 12.11 12.84
CA ARG A 125 14.24 11.58 13.05
C ARG A 125 15.13 11.55 11.79
N VAL A 126 15.05 12.59 10.98
CA VAL A 126 15.92 12.74 9.81
C VAL A 126 16.82 13.99 9.98
N LEU A 127 18.14 13.81 9.87
CA LEU A 127 19.10 14.92 9.68
C LEU A 127 19.32 15.10 8.19
N HIS A 128 19.30 16.34 7.69
CA HIS A 128 19.53 16.58 6.26
C HIS A 128 21.02 16.58 5.96
N ARG A 129 21.78 17.38 6.72
CA ARG A 129 23.25 17.41 6.67
C ARG A 129 23.89 17.97 5.40
N ASP A 130 23.09 18.56 4.52
CA ASP A 130 23.68 19.31 3.40
C ASP A 130 22.83 20.51 2.96
N LEU A 131 22.37 21.29 3.94
CA LEU A 131 21.55 22.47 3.63
C LEU A 131 22.44 23.59 3.11
N LYS A 132 22.27 23.93 1.84
CA LYS A 132 22.99 25.01 1.17
C LYS A 132 22.05 25.46 0.05
N PRO A 133 22.26 26.67 -0.47
CA PRO A 133 21.31 27.20 -1.48
C PRO A 133 20.97 26.25 -2.67
N GLU A 134 21.97 25.51 -3.16
CA GLU A 134 21.78 24.60 -4.30
C GLU A 134 20.80 23.46 -4.02
N ASN A 135 20.64 23.09 -2.75
CA ASN A 135 19.77 21.99 -2.36
C ASN A 135 18.40 22.47 -1.90
N LEU A 136 18.12 23.75 -2.14
CA LEU A 136 16.83 24.36 -1.77
C LEU A 136 16.15 24.81 -3.07
N LEU A 137 14.87 24.51 -3.19
CA LEU A 137 14.17 24.70 -4.47
C LEU A 137 13.01 25.67 -4.32
N ILE A 138 12.88 26.61 -5.25
CA ILE A 138 11.75 27.54 -5.23
C ILE A 138 10.82 27.28 -6.42
N ASN A 139 9.52 27.51 -6.23
CA ASN A 139 8.59 27.58 -7.36
C ASN A 139 8.25 29.05 -7.66
N THR A 140 7.39 29.32 -8.66
CA THR A 140 7.07 30.70 -9.03
C THR A 140 5.97 31.30 -8.15
N GLU A 141 5.43 30.50 -7.26
CA GLU A 141 4.30 30.92 -6.45
C GLU A 141 4.65 31.25 -5.01
N GLY A 142 5.94 31.35 -4.70
CA GLY A 142 6.38 31.73 -3.36
C GLY A 142 6.87 30.61 -2.45
N ALA A 143 6.75 29.36 -2.91
CA ALA A 143 7.17 28.20 -2.09
C ALA A 143 8.67 27.95 -2.18
N ILE A 144 9.26 27.46 -1.09
CA ILE A 144 10.64 26.96 -1.10
C ILE A 144 10.63 25.58 -0.42
N LYS A 145 11.44 24.65 -0.91
CA LYS A 145 11.43 23.27 -0.38
C LYS A 145 12.85 22.73 -0.18
N LEU A 146 13.03 21.92 0.85
CA LEU A 146 14.26 21.15 1.05
C LEU A 146 14.35 20.04 0.01
N ALA A 147 15.53 19.85 -0.55
CA ALA A 147 15.78 18.82 -1.53
C ALA A 147 17.16 18.19 -1.34
N ASP A 148 17.45 17.18 -2.17
CA ASP A 148 18.69 16.39 -2.14
C ASP A 148 18.97 15.80 -0.78
N PHE A 149 18.32 14.67 -0.48
CA PHE A 149 18.52 13.99 0.78
C PHE A 149 19.57 12.87 0.65
N GLY A 150 20.46 13.02 -0.33
CA GLY A 150 21.52 12.05 -0.57
C GLY A 150 22.51 11.93 0.58
N LEU A 151 22.67 13.00 1.35
CA LEU A 151 23.59 12.98 2.50
C LEU A 151 22.86 12.89 3.84
N ALA A 152 21.56 12.65 3.78
CA ALA A 152 20.75 12.65 4.99
C ALA A 152 20.94 11.34 5.74
N ARG A 153 20.49 11.31 6.99
CA ARG A 153 20.35 10.02 7.67
C ARG A 153 19.28 9.99 8.76
N ALA A 154 18.78 8.79 9.02
CA ALA A 154 17.79 8.58 10.04
C ALA A 154 18.57 8.45 11.34
N PHE A 155 18.25 9.27 12.32
CA PHE A 155 19.03 9.30 13.54
C PHE A 155 18.27 8.64 14.70
N GLY A 156 18.99 8.43 15.80
CA GLY A 156 18.40 7.80 16.96
C GLY A 156 18.34 8.75 18.13
N VAL A 157 17.54 8.37 19.13
CA VAL A 157 17.41 9.14 20.36
C VAL A 157 17.94 8.30 21.54
N PRO A 158 19.07 8.73 22.15
CA PRO A 158 19.91 9.85 21.70
C PRO A 158 20.81 9.41 20.52
N VAL A 159 21.50 10.37 19.89
CA VAL A 159 22.33 10.06 18.72
C VAL A 159 23.56 9.19 19.07
N ARG A 160 24.03 8.39 18.11
CA ARG A 160 25.37 7.79 18.18
C ARG A 160 26.28 8.68 17.37
N THR A 161 27.57 8.32 17.34
CA THR A 161 28.49 8.93 16.38
C THR A 161 28.07 8.57 14.96
N TYR A 162 27.96 9.58 14.10
CA TYR A 162 27.68 9.37 12.68
C TYR A 162 28.89 9.82 11.83
N TPO A 163 28.74 9.83 10.51
CA TPO A 163 29.82 10.21 9.59
CB TPO A 163 29.31 10.16 8.16
CG2 TPO A 163 30.47 10.41 7.19
OG1 TPO A 163 28.78 8.86 7.87
P TPO A 163 27.19 8.53 7.74
O1P TPO A 163 26.53 9.12 8.95
O2P TPO A 163 27.10 7.02 7.62
O3P TPO A 163 26.87 9.31 6.49
C TPO A 163 30.36 11.59 9.93
O TPO A 163 29.60 12.54 10.13
N HIS A 164 31.68 11.71 10.03
CA HIS A 164 32.30 13.01 10.28
C HIS A 164 32.35 13.80 8.99
N GLU A 165 32.04 15.10 9.02
CA GLU A 165 31.94 15.91 7.77
C GLU A 165 31.49 15.08 6.56
N VAL A 166 30.27 15.28 6.03
CA VAL A 166 29.15 16.10 6.54
C VAL A 166 29.15 17.64 6.54
N VAL A 167 28.24 18.11 5.70
CA VAL A 167 27.88 19.48 5.42
C VAL A 167 28.96 20.13 4.57
N THR A 168 28.56 20.74 3.45
N THR A 168 28.54 20.75 3.46
CA THR A 168 29.51 21.47 2.63
CA THR A 168 29.40 21.56 2.63
C THR A 168 30.13 22.57 3.50
C THR A 168 30.12 22.59 3.53
N LEU A 169 31.43 22.76 3.35
CA LEU A 169 32.24 23.55 4.31
C LEU A 169 31.69 24.90 4.77
N TRP A 170 31.21 25.72 3.84
CA TRP A 170 30.71 27.08 4.18
C TRP A 170 29.59 27.05 5.18
N TYR A 171 28.84 25.95 5.18
CA TYR A 171 27.61 25.83 5.95
C TYR A 171 27.78 24.86 7.12
N ARG A 172 29.01 24.43 7.36
CA ARG A 172 29.33 23.41 8.36
C ARG A 172 29.42 23.94 9.81
N ALA A 173 28.71 23.31 10.74
CA ALA A 173 28.62 23.73 12.14
C ALA A 173 29.96 23.59 12.89
N PRO A 174 30.20 24.47 13.86
CA PRO A 174 31.47 24.40 14.60
C PRO A 174 31.68 23.08 15.36
N GLU A 175 30.61 22.45 15.84
CA GLU A 175 30.75 21.14 16.51
C GLU A 175 31.29 20.05 15.57
N ILE A 176 30.98 20.15 14.29
CA ILE A 176 31.55 19.24 13.27
C ILE A 176 33.04 19.59 13.02
N LEU A 177 33.32 20.88 12.81
CA LEU A 177 34.70 21.32 12.60
C LEU A 177 35.61 20.99 13.79
N LEU A 178 35.08 21.10 15.00
CA LEU A 178 35.87 20.82 16.21
C LEU A 178 35.95 19.32 16.57
N GLY A 179 35.29 18.49 15.78
CA GLY A 179 35.45 17.05 15.87
C GLY A 179 34.64 16.39 16.97
N CYS A 180 33.54 17.01 17.40
CA CYS A 180 32.70 16.43 18.44
C CYS A 180 32.24 15.01 18.03
N LYS A 181 32.24 14.10 18.99
CA LYS A 181 31.81 12.72 18.75
C LYS A 181 30.32 12.64 18.45
N TYR A 182 29.57 13.57 19.00
CA TYR A 182 28.13 13.62 18.74
C TYR A 182 27.74 14.96 18.12
N TYR A 183 26.97 14.89 17.05
CA TYR A 183 26.26 16.03 16.53
C TYR A 183 24.82 15.57 16.28
N SER A 184 23.90 16.53 16.22
CA SER A 184 22.48 16.20 16.08
C SER A 184 21.79 17.34 15.31
N THR A 185 20.48 17.49 15.50
CA THR A 185 19.67 18.40 14.74
C THR A 185 20.19 19.86 14.62
N ALA A 186 20.99 20.30 15.59
CA ALA A 186 21.55 21.65 15.59
C ALA A 186 22.43 21.95 14.38
N VAL A 187 23.05 20.92 13.79
CA VAL A 187 23.91 21.16 12.61
C VAL A 187 23.09 21.72 11.43
N ASP A 188 21.83 21.32 11.33
CA ASP A 188 20.97 21.74 10.21
C ASP A 188 20.52 23.20 10.43
N ILE A 189 20.26 23.54 11.69
CA ILE A 189 19.94 24.92 12.09
C ILE A 189 21.11 25.90 11.80
N TRP A 190 22.32 25.50 12.17
CA TRP A 190 23.51 26.31 11.80
C TRP A 190 23.51 26.62 10.30
N SER A 191 23.35 25.58 9.48
CA SER A 191 23.33 25.76 8.03
C SER A 191 22.27 26.77 7.60
N LEU A 192 21.06 26.65 8.14
CA LEU A 192 19.99 27.59 7.78
C LEU A 192 20.28 29.02 8.23
N GLY A 193 20.93 29.19 9.37
CA GLY A 193 21.37 30.51 9.85
C GLY A 193 22.32 31.15 8.84
N CYS A 194 23.30 30.37 8.38
CA CYS A 194 24.22 30.81 7.33
C CYS A 194 23.48 31.21 6.07
N ILE A 195 22.49 30.42 5.69
CA ILE A 195 21.71 30.70 4.48
C ILE A 195 20.86 31.98 4.61
N PHE A 196 20.26 32.14 5.79
CA PHE A 196 19.51 33.36 6.17
C PHE A 196 20.39 34.61 5.97
N ALA A 197 21.59 34.61 6.56
CA ALA A 197 22.54 35.72 6.40
C ALA A 197 22.91 35.96 4.93
N GLU A 198 23.10 34.88 4.18
CA GLU A 198 23.47 34.93 2.77
C GLU A 198 22.39 35.55 1.88
N MET A 199 21.12 35.17 2.09
CA MET A 199 19.99 35.81 1.41
C MET A 199 19.92 37.33 1.68
N VAL A 200 20.19 37.72 2.93
CA VAL A 200 20.06 39.13 3.34
C VAL A 200 21.17 40.00 2.74
N THR A 201 22.40 39.51 2.81
CA THR A 201 23.57 40.29 2.43
C THR A 201 24.02 39.98 1.01
N ARG A 202 23.48 38.91 0.43
CA ARG A 202 23.80 38.46 -0.92
C ARG A 202 25.25 37.99 -1.11
N ARG A 203 25.90 37.62 -0.01
CA ARG A 203 27.18 36.92 -0.05
C ARG A 203 27.23 35.86 1.05
N ALA A 204 28.04 34.82 0.85
CA ALA A 204 28.18 33.74 1.83
C ALA A 204 28.68 34.30 3.15
N LEU A 205 28.09 33.84 4.25
CA LEU A 205 28.49 34.35 5.57
C LEU A 205 29.94 33.99 5.95
N PHE A 206 30.30 32.72 5.76
CA PHE A 206 31.60 32.19 6.14
C PHE A 206 32.20 31.38 4.97
N PRO A 207 32.75 32.08 3.94
CA PRO A 207 33.21 31.32 2.77
C PRO A 207 34.66 30.80 2.92
N GLY A 208 34.90 29.87 3.83
CA GLY A 208 36.25 29.31 4.03
C GLY A 208 36.71 28.36 2.95
N ASP A 209 38.04 28.17 2.87
CA ASP A 209 38.65 27.27 1.87
C ASP A 209 39.30 26.03 2.49
N SER A 210 39.31 25.98 3.82
CA SER A 210 39.81 24.84 4.56
C SER A 210 39.11 24.87 5.89
N GLU A 211 39.20 23.76 6.65
CA GLU A 211 38.54 23.69 7.95
C GLU A 211 39.06 24.75 8.93
N ILE A 212 40.36 25.01 8.93
CA ILE A 212 40.90 26.02 9.87
C ILE A 212 40.49 27.44 9.45
N ASP A 213 40.47 27.69 8.14
CA ASP A 213 40.04 28.96 7.59
C ASP A 213 38.55 29.16 7.95
N GLN A 214 37.77 28.09 7.82
CA GLN A 214 36.35 28.12 8.15
C GLN A 214 36.11 28.49 9.61
N LEU A 215 36.84 27.82 10.50
CA LEU A 215 36.78 28.11 11.93
C LEU A 215 37.15 29.56 12.23
N PHE A 216 38.26 30.04 11.64
CA PHE A 216 38.71 31.39 11.95
C PHE A 216 37.73 32.45 11.44
N ARG A 217 37.11 32.18 10.29
CA ARG A 217 36.04 33.04 9.81
C ARG A 217 34.87 33.11 10.76
N ILE A 218 34.47 31.95 11.28
CA ILE A 218 33.38 31.91 12.26
C ILE A 218 33.78 32.69 13.52
N PHE A 219 35.00 32.45 14.01
CA PHE A 219 35.48 33.14 15.24
C PHE A 219 35.54 34.66 15.08
N ARG A 220 35.95 35.16 13.91
CA ARG A 220 36.06 36.61 13.67
C ARG A 220 34.70 37.30 13.72
N THR A 221 33.65 36.55 13.38
CA THR A 221 32.29 37.07 13.39
C THR A 221 31.61 36.92 14.75
N LEU A 222 31.70 35.71 15.32
CA LEU A 222 30.92 35.37 16.51
C LEU A 222 31.74 35.45 17.80
N GLY A 223 33.04 35.73 17.67
CA GLY A 223 33.94 35.71 18.81
C GLY A 223 34.52 34.32 18.94
N THR A 224 35.79 34.22 19.35
CA THR A 224 36.37 32.91 19.61
C THR A 224 35.68 32.29 20.84
N PRO A 225 35.14 31.06 20.71
CA PRO A 225 34.40 30.47 21.82
C PRO A 225 35.31 30.10 23.00
N ASP A 226 34.80 30.29 24.21
CA ASP A 226 35.45 29.85 25.45
C ASP A 226 34.47 29.01 26.27
N GLU A 227 34.88 28.64 27.48
CA GLU A 227 34.07 27.79 28.33
C GLU A 227 32.81 28.50 28.85
N VAL A 228 32.89 29.81 28.96
CA VAL A 228 31.75 30.63 29.41
C VAL A 228 30.66 30.63 28.34
N VAL A 229 31.04 30.78 27.09
CA VAL A 229 30.08 30.81 26.00
C VAL A 229 29.64 29.40 25.59
N TRP A 230 30.56 28.43 25.68
CA TRP A 230 30.28 27.06 25.19
C TRP A 230 30.98 26.05 26.08
N PRO A 231 30.33 25.64 27.21
CA PRO A 231 30.99 24.71 28.14
C PRO A 231 31.41 23.41 27.44
N GLY A 232 32.65 22.97 27.66
CA GLY A 232 33.20 21.79 27.00
C GLY A 232 34.05 22.07 25.76
N VAL A 233 34.05 23.32 25.30
CA VAL A 233 34.67 23.63 24.00
C VAL A 233 36.18 23.34 24.03
N THR A 234 36.84 23.71 25.14
CA THR A 234 38.29 23.51 25.27
C THR A 234 38.73 22.06 25.38
N SER A 235 37.77 21.15 25.55
CA SER A 235 38.08 19.71 25.60
C SER A 235 37.74 18.99 24.31
N MET A 236 37.28 19.72 23.30
CA MET A 236 36.90 19.06 22.06
C MET A 236 38.11 18.63 21.24
N PRO A 237 38.00 17.47 20.55
CA PRO A 237 39.12 16.85 19.85
C PRO A 237 40.01 17.82 19.05
N ASP A 238 39.39 18.73 18.29
CA ASP A 238 40.18 19.59 17.42
C ASP A 238 40.27 21.04 17.88
N TYR A 239 39.91 21.28 19.13
CA TYR A 239 40.17 22.57 19.75
C TYR A 239 41.68 22.73 19.92
N LYS A 240 42.15 23.97 19.81
CA LYS A 240 43.56 24.28 20.05
C LYS A 240 43.64 25.48 20.97
N PRO A 241 44.41 25.35 22.09
CA PRO A 241 44.67 26.48 22.98
C PRO A 241 45.20 27.69 22.21
N SER A 242 45.88 27.44 21.10
CA SER A 242 46.49 28.51 20.29
C SER A 242 45.52 29.29 19.39
N PHE A 243 44.27 28.86 19.31
CA PHE A 243 43.27 29.59 18.52
C PHE A 243 43.39 31.09 18.84
N PRO A 244 43.46 31.95 17.80
CA PRO A 244 43.45 33.39 18.03
C PRO A 244 42.17 33.84 18.72
N LYS A 245 42.28 34.92 19.49
CA LYS A 245 41.13 35.48 20.16
C LYS A 245 40.58 36.66 19.40
N TRP A 246 39.30 36.59 19.09
CA TRP A 246 38.59 37.64 18.39
C TRP A 246 37.36 37.95 19.16
N ALA A 247 36.99 39.22 19.18
CA ALA A 247 35.80 39.71 19.86
C ALA A 247 34.59 39.49 18.97
N ARG A 248 33.45 39.16 19.59
CA ARG A 248 32.20 39.02 18.88
C ARG A 248 31.83 40.34 18.20
N GLN A 249 31.33 40.23 16.98
CA GLN A 249 30.84 41.38 16.24
C GLN A 249 29.38 41.70 16.55
N ASP A 250 29.02 42.97 16.35
CA ASP A 250 27.64 43.43 16.46
C ASP A 250 26.84 42.97 15.25
N PHE A 251 25.66 42.42 15.49
CA PHE A 251 24.89 41.85 14.39
C PHE A 251 24.38 42.91 13.43
N SER A 252 24.23 44.13 13.94
CA SER A 252 23.90 45.27 13.09
C SER A 252 24.98 45.47 12.02
N LYS A 253 26.19 45.00 12.30
CA LYS A 253 27.27 45.10 11.33
C LYS A 253 27.46 43.82 10.51
N VAL A 254 27.08 42.69 11.09
CA VAL A 254 27.11 41.39 10.39
C VAL A 254 26.02 41.34 9.30
N VAL A 255 24.81 41.81 9.65
CA VAL A 255 23.71 41.87 8.70
C VAL A 255 22.99 43.23 8.74
N PRO A 256 23.61 44.27 8.16
CA PRO A 256 23.04 45.63 8.23
C PRO A 256 21.56 45.80 7.86
N PRO A 257 21.07 45.13 6.79
CA PRO A 257 19.67 45.37 6.41
C PRO A 257 18.63 44.82 7.41
N LEU A 258 19.08 44.13 8.44
CA LEU A 258 18.18 43.35 9.28
C LEU A 258 17.67 44.11 10.52
N ASP A 259 16.39 43.95 10.81
CA ASP A 259 15.76 44.56 11.97
C ASP A 259 16.21 43.87 13.25
N GLU A 260 15.78 44.40 14.39
CA GLU A 260 16.05 43.81 15.71
C GLU A 260 15.58 42.35 15.86
N ASP A 261 14.35 42.05 15.45
CA ASP A 261 13.83 40.67 15.54
C ASP A 261 14.65 39.71 14.67
N GLY A 262 14.98 40.14 13.45
CA GLY A 262 15.79 39.36 12.53
C GLY A 262 17.18 39.06 13.12
N ARG A 263 17.84 40.08 13.65
CA ARG A 263 19.12 39.89 14.32
C ARG A 263 19.03 38.89 15.48
N SER A 264 17.96 38.97 16.28
CA SER A 264 17.76 38.08 17.41
C SER A 264 17.68 36.61 16.95
N LEU A 265 16.86 36.35 15.92
CA LEU A 265 16.67 35.00 15.41
C LEU A 265 17.99 34.46 14.85
N LEU A 266 18.67 35.27 14.01
CA LEU A 266 19.96 34.87 13.48
C LEU A 266 20.92 34.47 14.61
N SER A 267 21.02 35.29 15.65
CA SER A 267 21.93 34.95 16.75
C SER A 267 21.59 33.63 17.41
N GLN A 268 20.30 33.34 17.53
CA GLN A 268 19.86 32.13 18.18
C GLN A 268 20.16 30.92 17.28
N MET A 269 20.21 31.14 15.97
CA MET A 269 20.48 30.08 15.03
C MET A 269 21.98 29.82 14.94
N LEU A 270 22.79 30.81 15.31
CA LEU A 270 24.26 30.69 15.24
C LEU A 270 24.93 30.58 16.62
N HIS A 271 24.16 30.16 17.62
CA HIS A 271 24.72 29.95 18.95
C HIS A 271 25.75 28.85 18.88
N TYR A 272 26.89 29.02 19.53
CA TYR A 272 27.97 28.00 19.51
C TYR A 272 27.54 26.67 20.09
N ASP A 273 26.95 26.72 21.28
CA ASP A 273 26.51 25.52 21.98
C ASP A 273 25.30 24.92 21.28
N PRO A 274 25.45 23.72 20.68
CA PRO A 274 24.31 23.15 19.95
C PRO A 274 23.09 22.98 20.83
N ASN A 275 23.30 22.77 22.13
CA ASN A 275 22.19 22.64 23.08
C ASN A 275 21.38 23.91 23.23
N LYS A 276 22.03 25.07 23.24
CA LYS A 276 21.34 26.35 23.33
C LYS A 276 20.84 26.86 21.98
N ARG A 277 21.50 26.45 20.89
CA ARG A 277 21.04 26.80 19.52
C ARG A 277 19.55 26.49 19.33
N ILE A 278 18.81 27.42 18.74
CA ILE A 278 17.34 27.28 18.65
C ILE A 278 16.94 26.06 17.80
N SER A 279 15.89 25.32 18.18
CA SER A 279 15.33 24.27 17.31
C SER A 279 14.46 24.89 16.22
N ALA A 280 14.27 24.17 15.11
CA ALA A 280 13.41 24.64 14.02
C ALA A 280 11.98 24.88 14.50
N LYS A 281 11.49 23.95 15.33
CA LYS A 281 10.17 24.05 15.92
C LYS A 281 10.01 25.32 16.79
N ALA A 282 10.95 25.59 17.70
CA ALA A 282 10.84 26.79 18.56
C ALA A 282 10.96 28.10 17.75
N ALA A 283 11.80 28.08 16.72
CA ALA A 283 12.02 29.24 15.85
C ALA A 283 10.76 29.74 15.13
N LEU A 284 9.82 28.83 14.83
CA LEU A 284 8.59 29.21 14.10
C LEU A 284 7.75 30.24 14.83
N ALA A 285 7.85 30.29 16.16
CA ALA A 285 7.11 31.24 16.98
C ALA A 285 7.95 32.49 17.35
N HIS A 286 9.12 32.65 16.74
CA HIS A 286 9.93 33.86 16.96
C HIS A 286 9.22 35.09 16.43
N PRO A 287 9.28 36.23 17.17
CA PRO A 287 8.61 37.47 16.76
C PRO A 287 8.95 37.99 15.36
N PHE A 288 10.12 37.60 14.83
CA PHE A 288 10.49 37.93 13.45
C PHE A 288 9.38 37.55 12.48
N PHE A 289 8.67 36.47 12.79
CA PHE A 289 7.68 35.95 11.85
C PHE A 289 6.25 36.48 12.12
N GLN A 290 6.13 37.52 12.94
CA GLN A 290 4.79 38.02 13.32
C GLN A 290 3.97 38.50 12.09
N ASP A 291 4.63 39.19 11.17
CA ASP A 291 3.96 39.70 9.97
C ASP A 291 4.30 38.95 8.68
N VAL A 292 4.71 37.69 8.81
CA VAL A 292 5.11 36.90 7.64
C VAL A 292 3.94 36.69 6.67
N THR A 293 4.25 36.76 5.38
CA THR A 293 3.29 36.49 4.33
C THR A 293 3.94 35.49 3.37
N LYS A 294 3.40 35.39 2.15
CA LYS A 294 3.99 34.54 1.14
C LYS A 294 4.14 35.32 -0.19
N PRO A 295 5.15 36.20 -0.26
CA PRO A 295 5.46 36.97 -1.48
C PRO A 295 5.91 36.07 -2.65
N VAL A 296 5.76 36.55 -3.87
CA VAL A 296 6.24 35.82 -5.03
C VAL A 296 7.64 36.30 -5.40
N PRO A 297 8.49 35.39 -5.93
CA PRO A 297 9.80 35.80 -6.44
C PRO A 297 9.67 36.32 -7.87
N HIS A 298 10.73 36.95 -8.37
CA HIS A 298 10.78 37.28 -9.79
C HIS A 298 10.94 36.01 -10.61
N LEU A 299 10.69 36.12 -11.91
CA LEU A 299 10.68 34.97 -12.82
C LEU A 299 12.04 34.73 -13.47
N ARG A 300 13.04 35.45 -12.97
CA ARG A 300 14.48 35.31 -13.23
C ARG A 300 14.98 36.30 -14.29
N PRO B 2 15.95 16.65 22.54
CA PRO B 2 14.86 16.59 23.51
C PRO B 2 13.69 17.51 23.15
N ASP B 3 13.90 18.40 22.18
CA ASP B 3 12.79 19.15 21.61
C ASP B 3 12.02 18.29 20.62
N TYR B 4 12.58 17.13 20.26
CA TYR B 4 11.89 16.18 19.38
C TYR B 4 11.67 14.77 19.94
N HIS B 5 12.13 14.50 21.17
N HIS B 5 12.10 14.51 21.18
CA HIS B 5 12.02 13.18 21.78
CA HIS B 5 12.01 13.17 21.77
C HIS B 5 10.63 12.62 21.67
C HIS B 5 10.63 12.60 21.72
N GLU B 6 9.63 13.41 22.08
CA GLU B 6 8.22 12.98 22.07
C GLU B 6 7.71 12.77 20.65
N ASP B 7 7.96 13.74 19.77
CA ASP B 7 7.60 13.68 18.37
C ASP B 7 8.15 12.41 17.73
N ILE B 8 9.41 12.12 18.02
CA ILE B 8 10.08 10.98 17.41
C ILE B 8 9.50 9.66 17.91
N HIS B 9 9.24 9.58 19.22
CA HIS B 9 8.70 8.36 19.80
C HIS B 9 7.31 8.05 19.26
N THR B 10 6.45 9.05 19.23
CA THR B 10 5.15 8.94 18.55
C THR B 10 5.26 8.42 17.12
N TYR B 11 6.17 9.01 16.34
CA TYR B 11 6.36 8.60 14.96
C TYR B 11 6.82 7.14 14.82
N LEU B 12 7.78 6.73 15.66
CA LEU B 12 8.28 5.36 15.58
C LEU B 12 7.20 4.35 15.96
N ARG B 13 6.36 4.72 16.92
CA ARG B 13 5.19 3.87 17.28
C ARG B 13 4.26 3.69 16.09
N GLU B 14 4.04 4.75 15.33
CA GLU B 14 3.24 4.68 14.12
C GLU B 14 3.92 3.77 13.08
N MET B 15 5.21 3.98 12.85
CA MET B 15 5.91 3.23 11.81
C MET B 15 6.15 1.75 12.13
N GLU B 16 6.33 1.41 13.41
CA GLU B 16 6.55 0.01 13.77
C GLU B 16 5.35 -0.86 13.40
N VAL B 17 4.14 -0.31 13.50
CA VAL B 17 2.91 -1.03 13.08
C VAL B 17 2.95 -1.26 11.58
N LYS B 18 3.33 -0.22 10.83
CA LYS B 18 3.44 -0.33 9.37
C LYS B 18 4.61 -1.19 8.89
N CYS B 19 5.67 -1.29 9.69
CA CYS B 19 6.87 -2.05 9.30
C CYS B 19 6.88 -3.50 9.83
N LYS B 20 5.80 -3.88 10.52
CA LYS B 20 5.73 -5.17 11.18
C LYS B 20 5.55 -6.32 10.17
N PRO B 21 6.42 -7.35 10.24
CA PRO B 21 6.23 -8.53 9.40
C PRO B 21 4.93 -9.28 9.74
N LYS B 22 4.50 -10.15 8.82
CA LYS B 22 3.31 -10.98 9.01
C LYS B 22 3.57 -12.01 10.10
N VAL B 23 2.76 -11.97 11.16
CA VAL B 23 2.94 -12.88 12.30
C VAL B 23 3.01 -14.38 11.94
N GLY B 24 2.22 -14.83 10.98
CA GLY B 24 2.15 -16.26 10.68
C GLY B 24 2.84 -16.75 9.43
N TYR B 25 3.93 -16.09 9.02
CA TYR B 25 4.48 -16.35 7.68
C TYR B 25 5.20 -17.69 7.54
N MET B 26 5.81 -18.16 8.62
CA MET B 26 6.58 -19.39 8.55
C MET B 26 5.70 -20.59 8.18
N LYS B 27 4.42 -20.52 8.56
CA LYS B 27 3.47 -21.59 8.26
C LYS B 27 3.06 -21.58 6.79
N LYS B 28 3.29 -20.45 6.13
CA LYS B 28 3.04 -20.31 4.71
C LYS B 28 4.31 -20.57 3.87
N GLN B 29 5.44 -20.76 4.53
CA GLN B 29 6.70 -21.11 3.84
C GLN B 29 6.79 -22.64 3.79
N PRO B 30 6.72 -23.23 2.58
CA PRO B 30 6.72 -24.70 2.43
C PRO B 30 8.07 -25.36 2.69
N ASP B 31 9.16 -24.62 2.50
CA ASP B 31 10.50 -25.23 2.57
C ASP B 31 11.35 -24.76 3.74
N ILE B 32 11.06 -23.59 4.29
CA ILE B 32 11.83 -23.11 5.44
C ILE B 32 11.02 -23.14 6.74
N THR B 33 11.76 -23.11 7.85
CA THR B 33 11.19 -23.25 9.18
C THR B 33 11.80 -22.27 10.19
N ASN B 34 11.11 -22.07 11.32
CA ASN B 34 11.60 -21.25 12.42
C ASN B 34 13.01 -21.64 12.84
N SER B 35 13.28 -22.94 12.82
CA SER B 35 14.60 -23.46 13.14
C SER B 35 15.69 -22.96 12.20
N MET B 36 15.42 -23.02 10.90
CA MET B 36 16.35 -22.53 9.89
C MET B 36 16.57 -21.02 9.99
N ARG B 37 15.51 -20.30 10.37
CA ARG B 37 15.58 -18.85 10.57
C ARG B 37 16.46 -18.55 11.79
N ALA B 38 16.34 -19.38 12.82
CA ALA B 38 17.16 -19.21 14.03
C ALA B 38 18.63 -19.34 13.65
N ILE B 39 18.94 -20.37 12.86
CA ILE B 39 20.29 -20.59 12.31
C ILE B 39 20.78 -19.34 11.54
N LEU B 40 19.95 -18.81 10.66
CA LEU B 40 20.30 -17.62 9.87
C LEU B 40 20.62 -16.41 10.74
N VAL B 41 19.70 -16.07 11.65
CA VAL B 41 19.86 -14.91 12.50
C VAL B 41 21.11 -15.06 13.40
N ASP B 42 21.32 -16.27 13.92
CA ASP B 42 22.53 -16.51 14.72
C ASP B 42 23.79 -16.24 13.91
N TRP B 43 23.75 -16.64 12.65
CA TRP B 43 24.86 -16.40 11.73
C TRP B 43 25.10 -14.93 11.49
N LEU B 44 24.04 -14.16 11.31
CA LEU B 44 24.14 -12.69 11.16
C LEU B 44 24.77 -12.01 12.37
N VAL B 45 24.50 -12.54 13.57
CA VAL B 45 25.18 -12.06 14.79
C VAL B 45 26.69 -12.23 14.66
N GLU B 46 27.13 -13.39 14.15
CA GLU B 46 28.57 -13.63 13.98
C GLU B 46 29.15 -12.70 12.93
N VAL B 47 28.39 -12.50 11.85
CA VAL B 47 28.80 -11.56 10.80
C VAL B 47 28.96 -10.17 11.42
N GLY B 48 28.00 -9.75 12.22
CA GLY B 48 28.05 -8.45 12.89
C GLY B 48 29.26 -8.30 13.79
N GLU B 49 29.61 -9.37 14.49
CA GLU B 49 30.81 -9.43 15.32
C GLU B 49 32.10 -9.36 14.52
N GLU B 50 32.14 -10.13 13.43
CA GLU B 50 33.32 -10.21 12.57
C GLU B 50 33.65 -8.87 11.96
N TYR B 51 32.64 -8.13 11.53
CA TYR B 51 32.88 -6.88 10.85
C TYR B 51 32.65 -5.68 11.75
N LYS B 52 32.49 -5.94 13.05
CA LYS B 52 32.23 -4.92 14.07
C LYS B 52 31.09 -3.95 13.71
N LEU B 53 29.99 -4.51 13.22
CA LEU B 53 28.82 -3.72 12.79
C LEU B 53 28.02 -3.28 14.00
N GLN B 54 27.22 -2.22 13.84
CA GLN B 54 26.32 -1.77 14.90
C GLN B 54 25.27 -2.82 15.22
N ASN B 55 24.87 -2.91 16.49
CA ASN B 55 23.69 -3.72 16.83
C ASN B 55 22.45 -3.33 16.02
N GLU B 56 22.23 -2.03 15.86
CA GLU B 56 21.13 -1.53 15.03
C GLU B 56 21.10 -2.15 13.63
N THR B 57 22.27 -2.30 13.01
CA THR B 57 22.38 -2.93 11.69
C THR B 57 21.78 -4.35 11.69
N LEU B 58 22.09 -5.09 12.75
CA LEU B 58 21.58 -6.45 12.93
C LEU B 58 20.06 -6.45 13.01
N HIS B 59 19.52 -5.60 13.88
CA HIS B 59 18.06 -5.48 14.05
C HIS B 59 17.37 -5.13 12.76
N LEU B 60 18.00 -4.26 11.97
CA LEU B 60 17.46 -3.86 10.67
C LEU B 60 17.43 -5.03 9.68
N ALA B 61 18.55 -5.74 9.55
CA ALA B 61 18.60 -6.86 8.62
C ALA B 61 17.51 -7.89 8.92
N VAL B 62 17.27 -8.16 10.20
CA VAL B 62 16.25 -9.12 10.60
C VAL B 62 14.86 -8.61 10.19
N ASN B 63 14.58 -7.33 10.44
CA ASN B 63 13.31 -6.74 9.97
C ASN B 63 13.13 -6.93 8.46
N TYR B 64 14.17 -6.64 7.69
CA TYR B 64 14.13 -6.81 6.24
C TYR B 64 13.87 -8.26 5.80
N ILE B 65 14.54 -9.21 6.46
CA ILE B 65 14.36 -10.65 6.19
C ILE B 65 12.93 -11.07 6.47
N ASP B 66 12.44 -10.72 7.66
CA ASP B 66 11.08 -11.11 8.08
C ASP B 66 9.99 -10.51 7.20
N ARG B 67 10.18 -9.25 6.79
CA ARG B 67 9.26 -8.61 5.85
C ARG B 67 9.33 -9.25 4.46
N PHE B 68 10.53 -9.55 3.98
CA PHE B 68 10.71 -10.21 2.68
C PHE B 68 10.00 -11.57 2.65
N LEU B 69 10.25 -12.36 3.69
CA LEU B 69 9.68 -13.72 3.80
C LEU B 69 8.19 -13.73 4.11
N SER B 70 7.67 -12.57 4.51
CA SER B 70 6.22 -12.39 4.68
C SER B 70 5.45 -12.45 3.35
N SER B 71 6.11 -12.15 2.24
CA SER B 71 5.45 -12.27 0.94
C SER B 71 6.17 -13.14 -0.10
N MET B 72 7.44 -13.45 0.14
CA MET B 72 8.20 -14.25 -0.82
C MET B 72 8.56 -15.63 -0.28
N SER B 73 8.11 -16.67 -0.98
CA SER B 73 8.49 -18.04 -0.67
C SER B 73 9.95 -18.25 -1.04
N VAL B 74 10.71 -18.87 -0.15
CA VAL B 74 12.14 -19.04 -0.39
C VAL B 74 12.54 -20.47 -0.09
N LEU B 75 13.26 -21.11 -1.02
CA LEU B 75 13.84 -22.43 -0.74
C LEU B 75 14.99 -22.34 0.26
N ARG B 76 15.21 -23.42 1.00
CA ARG B 76 16.24 -23.46 2.06
C ARG B 76 17.63 -23.13 1.55
N GLY B 77 17.92 -23.55 0.31
CA GLY B 77 19.19 -23.24 -0.32
C GLY B 77 19.39 -21.75 -0.61
N LYS B 78 18.31 -20.98 -0.62
CA LYS B 78 18.40 -19.54 -0.95
C LYS B 78 18.20 -18.60 0.24
N LEU B 79 17.86 -19.17 1.39
CA LEU B 79 17.62 -18.39 2.60
C LEU B 79 18.84 -17.60 3.03
N GLN B 80 20.03 -18.19 2.95
CA GLN B 80 21.24 -17.45 3.33
C GLN B 80 21.48 -16.27 2.38
N LEU B 81 21.15 -16.44 1.09
CA LEU B 81 21.27 -15.37 0.11
C LEU B 81 20.41 -14.14 0.47
N VAL B 82 19.16 -14.40 0.85
CA VAL B 82 18.25 -13.35 1.34
C VAL B 82 18.92 -12.63 2.51
N GLY B 83 19.38 -13.41 3.50
CA GLY B 83 20.02 -12.88 4.71
C GLY B 83 21.24 -12.00 4.42
N THR B 84 22.10 -12.47 3.51
CA THR B 84 23.29 -11.74 3.08
C THR B 84 22.91 -10.40 2.43
N ALA B 85 21.99 -10.45 1.46
CA ALA B 85 21.49 -9.23 0.82
C ALA B 85 20.85 -8.27 1.83
N ALA B 86 20.07 -8.79 2.77
CA ALA B 86 19.51 -7.98 3.86
C ALA B 86 20.58 -7.32 4.71
N MET B 87 21.63 -8.08 5.05
CA MET B 87 22.69 -7.51 5.88
C MET B 87 23.47 -6.43 5.13
N LEU B 88 23.62 -6.62 3.82
CA LEU B 88 24.30 -5.64 2.99
C LEU B 88 23.48 -4.36 2.97
N LEU B 89 22.17 -4.50 2.80
CA LEU B 89 21.26 -3.33 2.76
C LEU B 89 21.23 -2.58 4.09
N ALA B 90 21.10 -3.32 5.19
CA ALA B 90 21.13 -2.74 6.53
C ALA B 90 22.43 -1.99 6.73
N SER B 91 23.56 -2.56 6.23
CA SER B 91 24.87 -1.93 6.44
C SER B 91 24.96 -0.62 5.68
N LYS B 92 24.50 -0.64 4.44
CA LYS B 92 24.50 0.56 3.62
C LYS B 92 23.65 1.64 4.26
N PHE B 93 22.51 1.26 4.83
CA PHE B 93 21.59 2.23 5.44
C PHE B 93 22.20 2.84 6.70
N GLU B 94 22.75 1.98 7.57
CA GLU B 94 23.04 2.34 8.95
C GLU B 94 24.52 2.65 9.25
N GLU B 95 25.43 1.97 8.56
CA GLU B 95 26.86 2.04 8.91
C GLU B 95 27.60 3.24 8.30
N ILE B 96 28.53 3.80 9.06
CA ILE B 96 29.46 4.80 8.50
C ILE B 96 30.32 4.18 7.41
N TYR B 97 30.89 3.01 7.70
CA TYR B 97 31.76 2.28 6.76
C TYR B 97 31.24 0.88 6.54
N PRO B 98 30.28 0.71 5.62
CA PRO B 98 29.76 -0.63 5.40
C PRO B 98 30.83 -1.55 4.80
N PRO B 99 30.81 -2.85 5.14
CA PRO B 99 31.69 -3.80 4.44
C PRO B 99 31.38 -3.79 2.95
N GLU B 100 32.41 -4.01 2.13
CA GLU B 100 32.26 -4.10 0.68
C GLU B 100 31.42 -5.32 0.29
N VAL B 101 30.86 -5.31 -0.92
CA VAL B 101 30.05 -6.43 -1.43
C VAL B 101 30.86 -7.73 -1.43
N ALA B 102 32.10 -7.65 -1.92
CA ALA B 102 33.03 -8.79 -1.92
C ALA B 102 33.21 -9.43 -0.54
N GLU B 103 33.16 -8.61 0.52
CA GLU B 103 33.24 -9.12 1.89
C GLU B 103 31.98 -9.91 2.29
N PHE B 104 30.81 -9.50 1.79
CA PHE B 104 29.57 -10.26 2.02
C PHE B 104 29.56 -11.56 1.21
N VAL B 105 30.11 -11.53 0.00
CA VAL B 105 30.33 -12.73 -0.81
C VAL B 105 31.26 -13.70 -0.09
N TYR B 106 32.29 -13.15 0.55
CA TYR B 106 33.30 -13.93 1.29
C TYR B 106 32.70 -14.76 2.43
N ILE B 107 31.88 -14.12 3.27
CA ILE B 107 31.32 -14.80 4.45
C ILE B 107 30.19 -15.79 4.17
N THR B 108 29.68 -15.83 2.94
CA THR B 108 28.75 -16.89 2.55
C THR B 108 29.49 -18.17 2.20
N ASP B 109 30.81 -18.16 2.44
CA ASP B 109 31.72 -19.28 2.11
C ASP B 109 31.68 -19.63 0.61
N ASP B 110 31.48 -18.59 -0.22
CA ASP B 110 31.44 -18.69 -1.68
C ASP B 110 30.35 -19.62 -2.24
N THR B 111 29.26 -19.77 -1.50
CA THR B 111 28.10 -20.53 -1.96
C THR B 111 27.42 -19.75 -3.09
N TYR B 112 27.35 -18.43 -2.91
CA TYR B 112 26.74 -17.54 -3.90
C TYR B 112 27.79 -16.62 -4.54
N THR B 113 27.52 -16.19 -5.77
CA THR B 113 28.39 -15.23 -6.45
C THR B 113 28.01 -13.78 -6.12
N LYS B 114 28.94 -12.86 -6.41
CA LYS B 114 28.68 -11.44 -6.30
C LYS B 114 27.40 -11.03 -7.05
N LYS B 115 27.22 -11.55 -8.27
CA LYS B 115 26.06 -11.18 -9.09
C LYS B 115 24.73 -11.56 -8.45
N GLN B 116 24.68 -12.77 -7.88
CA GLN B 116 23.53 -13.23 -7.12
C GLN B 116 23.22 -12.35 -5.91
N VAL B 117 24.28 -11.95 -5.18
CA VAL B 117 24.11 -11.09 -4.00
C VAL B 117 23.54 -9.73 -4.43
N LEU B 118 24.07 -9.17 -5.52
CA LEU B 118 23.60 -7.89 -6.09
C LEU B 118 22.18 -7.95 -6.66
N ARG B 119 21.87 -9.05 -7.34
CA ARG B 119 20.51 -9.28 -7.83
C ARG B 119 19.52 -9.47 -6.71
N MET B 120 19.92 -10.17 -5.64
CA MET B 120 19.05 -10.33 -4.48
C MET B 120 18.86 -9.01 -3.75
N GLU B 121 19.91 -8.18 -3.72
CA GLU B 121 19.80 -6.84 -3.15
C GLU B 121 18.67 -6.07 -3.82
N HIS B 122 18.66 -6.05 -5.15
CA HIS B 122 17.60 -5.41 -5.95
C HIS B 122 16.24 -5.96 -5.65
N LEU B 123 16.11 -7.29 -5.69
CA LEU B 123 14.84 -7.95 -5.36
C LEU B 123 14.31 -7.58 -3.97
N VAL B 124 15.18 -7.59 -2.96
CA VAL B 124 14.79 -7.23 -1.60
C VAL B 124 14.25 -5.78 -1.58
N LEU B 125 14.98 -4.88 -2.22
CA LEU B 125 14.56 -3.48 -2.34
C LEU B 125 13.19 -3.33 -3.00
N LYS B 126 13.01 -4.01 -4.13
CA LYS B 126 11.74 -4.03 -4.84
C LYS B 126 10.61 -4.58 -3.95
N VAL B 127 10.85 -5.70 -3.28
CA VAL B 127 9.82 -6.33 -2.44
C VAL B 127 9.47 -5.44 -1.24
N LEU B 128 10.48 -4.82 -0.61
CA LEU B 128 10.24 -3.88 0.49
C LEU B 128 9.85 -2.48 0.01
N THR B 129 9.73 -2.31 -1.31
CA THR B 129 9.55 -1.00 -1.99
C THR B 129 10.41 0.11 -1.39
N PHE B 130 11.70 -0.20 -1.20
CA PHE B 130 12.71 0.76 -0.70
C PHE B 130 12.41 1.33 0.68
N ASP B 131 11.48 0.77 1.42
CA ASP B 131 11.14 1.29 2.73
C ASP B 131 11.99 0.62 3.80
N LEU B 132 13.17 1.19 4.04
CA LEU B 132 14.19 0.57 4.89
C LEU B 132 14.36 1.22 6.26
N ALA B 133 13.71 2.37 6.50
CA ALA B 133 13.86 3.06 7.79
C ALA B 133 12.89 2.54 8.85
N ALA B 134 13.08 1.27 9.21
CA ALA B 134 12.22 0.56 10.15
C ALA B 134 12.63 0.82 11.57
N PRO B 135 11.66 1.03 12.47
CA PRO B 135 11.93 1.08 13.90
C PRO B 135 12.39 -0.30 14.39
N THR B 136 13.31 -0.31 15.35
CA THR B 136 13.83 -1.58 15.90
C THR B 136 13.68 -1.56 17.41
N VAL B 137 13.84 -2.74 18.03
CA VAL B 137 13.87 -2.85 19.49
C VAL B 137 14.94 -1.92 20.06
N ASN B 138 16.11 -1.94 19.41
CA ASN B 138 17.22 -1.07 19.77
C ASN B 138 16.85 0.43 19.81
N GLN B 139 16.10 0.91 18.82
CA GLN B 139 15.68 2.31 18.81
C GLN B 139 14.78 2.69 19.97
N PHE B 140 13.92 1.76 20.40
CA PHE B 140 13.08 1.99 21.59
C PHE B 140 13.89 1.91 22.89
N LEU B 141 14.78 0.91 22.98
CA LEU B 141 15.63 0.75 24.15
C LEU B 141 16.44 2.01 24.48
N THR B 142 17.10 2.59 23.48
CA THR B 142 17.93 3.78 23.73
C THR B 142 17.12 4.94 24.30
N GLN B 143 15.89 5.09 23.82
CA GLN B 143 14.96 6.07 24.39
C GLN B 143 14.56 5.70 25.83
N TYR B 144 14.21 4.44 26.07
CA TYR B 144 13.84 3.99 27.42
C TYR B 144 14.98 4.17 28.43
N PHE B 145 16.22 4.01 27.95
CA PHE B 145 17.41 4.16 28.81
C PHE B 145 17.50 5.54 29.44
N LEU B 146 16.94 6.56 28.78
CA LEU B 146 16.97 7.93 29.29
C LEU B 146 16.15 8.14 30.56
N HIS B 147 15.35 7.14 30.91
CA HIS B 147 14.51 7.19 32.09
C HIS B 147 15.10 6.49 33.30
N GLN B 148 16.39 6.15 33.25
CA GLN B 148 17.05 5.48 34.39
C GLN B 148 17.32 6.43 35.55
N GLN B 149 17.28 5.89 36.77
CA GLN B 149 17.49 6.69 37.97
C GLN B 149 18.44 5.96 38.94
N PRO B 150 19.78 6.13 38.76
CA PRO B 150 20.47 6.78 37.64
C PRO B 150 20.88 5.75 36.57
N ALA B 151 21.67 6.19 35.59
CA ALA B 151 22.05 5.34 34.45
C ALA B 151 22.99 4.20 34.87
N ASN B 152 22.73 3.01 34.33
CA ASN B 152 23.44 1.81 34.75
C ASN B 152 23.90 0.99 33.53
N CYS B 153 25.22 0.95 33.34
CA CYS B 153 25.81 0.30 32.17
C CYS B 153 25.43 -1.17 32.04
N LYS B 154 25.28 -1.85 33.17
CA LYS B 154 24.91 -3.26 33.18
C LYS B 154 23.46 -3.46 32.75
N VAL B 155 22.59 -2.57 33.21
CA VAL B 155 21.19 -2.60 32.82
C VAL B 155 21.08 -2.42 31.31
N GLU B 156 21.74 -1.39 30.79
CA GLU B 156 21.71 -1.10 29.35
C GLU B 156 22.17 -2.29 28.51
N SER B 157 23.35 -2.85 28.79
CA SER B 157 23.86 -3.97 27.99
C SER B 157 22.98 -5.22 28.13
N LEU B 158 22.44 -5.46 29.32
CA LEU B 158 21.59 -6.62 29.55
C LEU B 158 20.28 -6.53 28.78
N ALA B 159 19.66 -5.36 28.79
CA ALA B 159 18.47 -5.11 27.99
C ALA B 159 18.72 -5.35 26.49
N MET B 160 19.84 -4.83 25.99
N MET B 160 19.84 -4.84 25.99
CA MET B 160 20.25 -5.04 24.61
CA MET B 160 20.22 -5.06 24.59
C MET B 160 20.42 -6.54 24.30
C MET B 160 20.43 -6.54 24.28
N PHE B 161 21.04 -7.25 25.23
CA PHE B 161 21.25 -8.70 25.13
C PHE B 161 19.90 -9.44 25.01
N LEU B 162 18.97 -9.11 25.91
CA LEU B 162 17.64 -9.72 25.91
C LEU B 162 16.88 -9.41 24.60
N GLY B 163 16.90 -8.15 24.19
CA GLY B 163 16.24 -7.75 22.94
C GLY B 163 16.84 -8.49 21.76
N GLU B 164 18.15 -8.71 21.78
CA GLU B 164 18.82 -9.43 20.73
C GLU B 164 18.41 -10.91 20.72
N LEU B 165 18.32 -11.52 21.89
CA LEU B 165 17.85 -12.91 21.97
C LEU B 165 16.50 -13.10 21.28
N SER B 166 15.65 -12.08 21.36
CA SER B 166 14.30 -12.12 20.78
C SER B 166 14.32 -12.27 19.27
N LEU B 167 15.36 -11.76 18.63
CA LEU B 167 15.54 -11.85 17.18
C LEU B 167 15.62 -13.30 16.64
N ILE B 168 16.14 -14.20 17.47
CA ILE B 168 16.41 -15.57 17.09
C ILE B 168 15.13 -16.36 16.87
N ASP B 169 14.14 -16.14 17.74
CA ASP B 169 12.98 -17.04 17.85
C ASP B 169 11.67 -16.42 17.37
N ALA B 170 11.36 -16.59 16.08
CA ALA B 170 10.16 -16.00 15.47
C ALA B 170 8.88 -16.42 16.20
N ASP B 171 8.81 -17.67 16.63
CA ASP B 171 7.85 -18.10 17.64
C ASP B 171 8.59 -18.05 18.98
N PRO B 172 8.16 -17.18 19.92
CA PRO B 172 6.96 -16.34 19.87
C PRO B 172 7.13 -14.86 19.43
N TYR B 173 8.36 -14.36 19.27
CA TYR B 173 8.59 -12.90 19.24
C TYR B 173 7.99 -12.11 18.06
N LEU B 174 7.75 -12.81 16.95
CA LEU B 174 7.12 -12.21 15.78
C LEU B 174 5.75 -11.59 16.09
N LYS B 175 5.08 -12.04 17.14
CA LYS B 175 3.78 -11.45 17.47
C LYS B 175 3.87 -10.15 18.30
N TYR B 176 5.06 -9.80 18.78
CA TYR B 176 5.21 -8.60 19.60
C TYR B 176 5.89 -7.49 18.80
N LEU B 177 5.42 -6.24 18.99
CA LEU B 177 6.05 -5.05 18.38
C LEU B 177 7.39 -4.72 19.03
N PRO B 178 8.31 -4.10 18.26
CA PRO B 178 9.60 -3.68 18.83
C PRO B 178 9.48 -2.89 20.14
N SER B 179 8.48 -1.99 20.25
CA SER B 179 8.37 -1.16 21.44
C SER B 179 8.00 -2.00 22.68
N VAL B 180 7.30 -3.10 22.45
CA VAL B 180 6.87 -4.01 23.52
C VAL B 180 8.02 -4.91 23.96
N ILE B 181 8.74 -5.49 23.01
CA ILE B 181 9.94 -6.31 23.33
C ILE B 181 10.99 -5.48 24.07
N ALA B 182 11.15 -4.22 23.66
CA ALA B 182 12.05 -3.27 24.31
C ALA B 182 11.59 -3.00 25.74
N GLY B 183 10.28 -2.87 25.94
CA GLY B 183 9.73 -2.66 27.27
C GLY B 183 9.95 -3.86 28.17
N ALA B 184 9.67 -5.05 27.66
CA ALA B 184 9.92 -6.29 28.41
C ALA B 184 11.42 -6.47 28.70
N ALA B 185 12.27 -6.24 27.70
CA ALA B 185 13.72 -6.35 27.85
C ALA B 185 14.25 -5.39 28.91
N PHE B 186 13.83 -4.12 28.83
CA PHE B 186 14.21 -3.12 29.81
C PHE B 186 13.75 -3.48 31.22
N HIS B 187 12.50 -3.93 31.38
CA HIS B 187 12.02 -4.30 32.72
C HIS B 187 12.85 -5.42 33.29
N LEU B 188 13.02 -6.46 32.50
CA LEU B 188 13.70 -7.68 32.93
C LEU B 188 15.18 -7.41 33.22
N ALA B 189 15.80 -6.51 32.45
CA ALA B 189 17.19 -6.13 32.69
C ALA B 189 17.31 -5.37 33.99
N LEU B 190 16.41 -4.40 34.16
CA LEU B 190 16.33 -3.58 35.36
C LEU B 190 16.11 -4.41 36.62
N TYR B 191 15.25 -5.42 36.50
CA TYR B 191 14.93 -6.28 37.63
C TYR B 191 16.09 -7.20 37.98
N THR B 192 16.69 -7.81 36.96
CA THR B 192 17.85 -8.68 37.14
C THR B 192 19.02 -7.96 37.82
N VAL B 193 19.31 -6.72 37.43
CA VAL B 193 20.49 -6.01 37.96
C VAL B 193 20.22 -5.26 39.28
N THR B 194 19.16 -4.46 39.33
CA THR B 194 18.93 -3.53 40.44
C THR B 194 17.74 -3.91 41.32
N GLY B 195 16.97 -4.91 40.92
CA GLY B 195 15.74 -5.24 41.64
C GLY B 195 14.55 -4.34 41.29
N GLN B 196 14.83 -3.23 40.60
CA GLN B 196 13.81 -2.24 40.24
C GLN B 196 12.88 -2.71 39.10
N SER B 197 11.92 -1.87 38.75
CA SER B 197 10.83 -2.26 37.87
C SER B 197 10.55 -1.24 36.75
N TRP B 198 9.83 -1.68 35.72
CA TRP B 198 9.35 -0.81 34.62
C TRP B 198 8.81 0.42 35.28
N PRO B 199 9.47 1.59 35.06
CA PRO B 199 9.26 2.76 35.89
C PRO B 199 8.05 3.55 35.41
N GLU B 200 7.44 4.32 36.31
CA GLU B 200 6.24 5.11 36.02
C GLU B 200 6.39 6.11 34.85
N SER B 201 7.54 6.80 34.77
CA SER B 201 7.77 7.72 33.65
C SER B 201 7.59 7.05 32.27
N LEU B 202 7.86 5.74 32.19
CA LEU B 202 7.73 5.02 30.93
C LEU B 202 6.31 4.46 30.70
N ILE B 203 5.66 4.04 31.78
CA ILE B 203 4.22 3.73 31.72
C ILE B 203 3.49 4.88 31.03
N ARG B 204 3.82 6.09 31.45
CA ARG B 204 3.16 7.30 30.98
C ARG B 204 3.60 7.76 29.58
N LYS B 205 4.85 7.49 29.23
CA LYS B 205 5.39 7.83 27.92
C LYS B 205 4.78 6.90 26.88
N THR B 206 4.76 5.61 27.21
CA THR B 206 4.47 4.57 26.24
C THR B 206 3.02 4.11 26.24
N GLY B 207 2.33 4.30 27.36
CA GLY B 207 1.01 3.69 27.57
C GLY B 207 1.08 2.22 27.95
N TYR B 208 2.29 1.67 28.07
CA TYR B 208 2.45 0.28 28.45
C TYR B 208 2.55 0.14 29.95
N THR B 209 1.76 -0.77 30.51
CA THR B 209 1.86 -1.11 31.91
C THR B 209 2.66 -2.41 32.01
N LEU B 210 3.10 -2.75 33.21
CA LEU B 210 3.65 -4.08 33.47
C LEU B 210 2.71 -5.17 32.94
N GLU B 211 1.42 -4.99 33.21
CA GLU B 211 0.40 -5.93 32.74
C GLU B 211 0.34 -6.08 31.22
N SER B 212 0.34 -4.98 30.48
CA SER B 212 0.36 -5.06 29.02
C SER B 212 1.66 -5.69 28.49
N LEU B 213 2.76 -5.49 29.23
CA LEU B 213 4.04 -6.13 28.91
C LEU B 213 4.15 -7.59 29.39
N LYS B 214 3.22 -8.03 30.26
CA LYS B 214 3.30 -9.37 30.86
C LYS B 214 3.49 -10.53 29.86
N PRO B 215 2.61 -10.65 28.83
CA PRO B 215 2.76 -11.77 27.89
C PRO B 215 4.16 -11.86 27.22
N CYS B 216 4.68 -10.74 26.74
CA CYS B 216 6.03 -10.73 26.17
C CYS B 216 7.08 -11.02 27.25
N LEU B 217 6.89 -10.43 28.42
CA LEU B 217 7.79 -10.56 29.56
C LEU B 217 7.90 -11.99 30.12
N MET B 218 6.81 -12.76 30.03
CA MET B 218 6.80 -14.16 30.43
C MET B 218 7.63 -14.99 29.45
N ASP B 219 7.46 -14.68 28.16
CA ASP B 219 8.20 -15.36 27.11
C ASP B 219 9.68 -15.03 27.19
N LEU B 220 9.99 -13.74 27.35
CA LEU B 220 11.36 -13.29 27.42
C LEU B 220 12.04 -13.83 28.67
N HIS B 221 11.29 -13.89 29.77
CA HIS B 221 11.76 -14.55 31.00
C HIS B 221 12.20 -15.97 30.75
N GLN B 222 11.33 -16.76 30.13
CA GLN B 222 11.66 -18.14 29.80
C GLN B 222 12.85 -18.23 28.85
N THR B 223 12.89 -17.37 27.84
CA THR B 223 14.00 -17.33 26.89
C THR B 223 15.31 -17.09 27.62
N TYR B 224 15.28 -16.16 28.59
CA TYR B 224 16.45 -15.77 29.37
C TYR B 224 16.92 -16.95 30.21
N LEU B 225 15.98 -17.63 30.87
CA LEU B 225 16.30 -18.81 31.69
C LEU B 225 16.87 -19.95 30.86
N LYS B 226 16.26 -20.21 29.71
CA LYS B 226 16.70 -21.28 28.81
C LYS B 226 17.87 -20.92 27.88
N ALA B 227 18.36 -19.69 27.97
CA ALA B 227 19.41 -19.20 27.06
C ALA B 227 20.65 -20.10 26.97
N PRO B 228 21.17 -20.58 28.13
CA PRO B 228 22.33 -21.48 28.00
C PRO B 228 22.05 -22.79 27.25
N GLN B 229 20.78 -23.21 27.18
CA GLN B 229 20.42 -24.48 26.54
C GLN B 229 20.04 -24.37 25.06
N HIS B 230 19.78 -23.15 24.60
CA HIS B 230 19.37 -22.89 23.21
C HIS B 230 20.42 -23.39 22.25
N ALA B 231 19.96 -23.97 21.13
CA ALA B 231 20.84 -24.44 20.04
C ALA B 231 21.76 -23.36 19.45
N GLN B 232 21.26 -22.13 19.38
CA GLN B 232 22.06 -21.00 18.90
C GLN B 232 22.68 -20.26 20.07
N GLN B 233 24.00 -20.08 20.03
CA GLN B 233 24.74 -19.51 21.15
C GLN B 233 25.55 -18.23 20.84
N SER B 234 25.49 -17.74 19.60
CA SER B 234 26.34 -16.61 19.22
C SER B 234 26.08 -15.32 20.00
N ILE B 235 24.82 -15.06 20.35
CA ILE B 235 24.48 -13.88 21.16
C ILE B 235 25.03 -13.98 22.61
N ARG B 236 24.87 -15.14 23.25
CA ARG B 236 25.51 -15.35 24.57
C ARG B 236 27.03 -15.15 24.54
N GLU B 237 27.70 -15.71 23.53
CA GLU B 237 29.14 -15.58 23.38
C GLU B 237 29.54 -14.12 23.19
N LYS B 238 28.80 -13.41 22.34
CA LYS B 238 29.00 -11.97 22.09
C LYS B 238 28.93 -11.14 23.38
N TYR B 239 27.89 -11.40 24.17
CA TYR B 239 27.63 -10.58 25.34
C TYR B 239 28.42 -10.98 26.58
N LYS B 240 29.40 -11.87 26.40
CA LYS B 240 30.44 -12.14 27.42
C LYS B 240 31.52 -11.05 27.41
N ASN B 241 31.68 -10.40 26.26
CA ASN B 241 32.73 -9.43 26.03
C ASN B 241 32.58 -8.20 26.91
N SER B 242 33.72 -7.63 27.32
CA SER B 242 33.73 -6.44 28.17
C SER B 242 33.07 -5.25 27.49
N LYS B 243 33.13 -5.19 26.17
CA LYS B 243 32.36 -4.24 25.38
C LYS B 243 30.90 -4.17 25.87
N TYR B 244 30.33 -5.32 26.21
CA TYR B 244 28.95 -5.35 26.68
C TYR B 244 28.88 -5.70 28.18
N HIS B 245 29.97 -5.40 28.90
CA HIS B 245 30.07 -5.58 30.36
C HIS B 245 29.81 -6.98 30.86
N GLY B 246 30.06 -7.97 30.01
CA GLY B 246 29.92 -9.38 30.36
C GLY B 246 28.55 -9.78 30.87
N VAL B 247 27.49 -9.10 30.40
CA VAL B 247 26.16 -9.27 30.99
C VAL B 247 25.52 -10.64 30.77
N SER B 248 25.97 -11.37 29.75
CA SER B 248 25.44 -12.73 29.56
C SER B 248 25.94 -13.70 30.64
N LEU B 249 26.86 -13.26 31.49
CA LEU B 249 27.31 -14.09 32.60
C LEU B 249 26.46 -13.90 33.86
N LEU B 250 25.61 -12.88 33.84
CA LEU B 250 24.72 -12.61 34.96
C LEU B 250 23.67 -13.71 35.04
N ASN B 251 23.21 -13.98 36.27
CA ASN B 251 22.21 -15.01 36.47
C ASN B 251 20.81 -14.46 36.30
N PRO B 252 19.97 -15.15 35.51
CA PRO B 252 18.58 -14.72 35.40
C PRO B 252 17.86 -14.92 36.74
N PRO B 253 16.95 -13.98 37.09
CA PRO B 253 16.19 -14.16 38.32
C PRO B 253 15.25 -15.35 38.15
N GLU B 254 15.00 -16.10 39.22
CA GLU B 254 14.20 -17.33 39.11
C GLU B 254 12.69 -17.07 38.94
N THR B 255 12.20 -16.01 39.57
CA THR B 255 10.81 -15.57 39.44
C THR B 255 10.79 -14.06 39.27
N LEU B 256 9.70 -13.57 38.71
CA LEU B 256 9.55 -12.14 38.46
C LEU B 256 8.64 -11.47 39.48
N ASN B 257 7.78 -12.24 40.12
CA ASN B 257 6.82 -11.75 41.12
C ASN B 257 5.89 -10.65 40.59
N LEU B 258 5.06 -11.01 39.63
CA LEU B 258 4.10 -10.07 39.05
C LEU B 258 2.70 -10.23 39.69
N SER C 3 12.25 -7.18 -15.96
CA SER C 3 10.86 -7.44 -15.46
C SER C 3 10.66 -8.92 -15.15
N MET C 4 10.82 -9.73 -16.20
CA MET C 4 10.66 -11.18 -16.15
C MET C 4 12.04 -11.84 -16.06
N GLU C 5 13.05 -11.00 -15.82
CA GLU C 5 14.44 -11.40 -15.78
C GLU C 5 14.73 -12.46 -14.71
N ASN C 6 13.99 -12.40 -13.60
CA ASN C 6 14.17 -13.32 -12.48
C ASN C 6 13.41 -14.66 -12.62
N PHE C 7 12.71 -14.83 -13.73
CA PHE C 7 11.89 -16.02 -13.92
C PHE C 7 12.39 -16.89 -15.06
N GLN C 8 12.49 -18.19 -14.78
CA GLN C 8 12.89 -19.18 -15.76
C GLN C 8 11.66 -20.02 -16.11
N LYS C 9 11.22 -19.92 -17.37
CA LYS C 9 10.09 -20.70 -17.86
C LYS C 9 10.49 -22.18 -17.92
N VAL C 10 9.66 -23.05 -17.37
CA VAL C 10 9.93 -24.49 -17.36
C VAL C 10 9.17 -25.20 -18.50
N GLU C 11 7.86 -25.03 -18.53
CA GLU C 11 7.01 -25.60 -19.57
C GLU C 11 5.68 -24.88 -19.66
N LYS C 12 5.08 -24.91 -20.84
CA LYS C 12 3.71 -24.45 -21.04
C LYS C 12 2.75 -25.49 -20.48
N ILE C 13 1.84 -25.07 -19.61
CA ILE C 13 0.84 -25.97 -19.06
C ILE C 13 -0.41 -26.06 -19.95
N GLY C 14 -0.91 -24.92 -20.38
CA GLY C 14 -2.16 -24.89 -21.15
C GLY C 14 -2.86 -23.55 -21.13
N GLU C 15 -3.99 -23.47 -21.82
CA GLU C 15 -4.72 -22.22 -21.94
C GLU C 15 -5.96 -22.20 -21.07
N GLY C 16 -6.14 -21.11 -20.33
CA GLY C 16 -7.30 -20.97 -19.46
C GLY C 16 -8.42 -20.26 -20.20
N THR C 17 -9.30 -19.61 -19.44
CA THR C 17 -10.37 -18.83 -20.07
C THR C 17 -9.78 -17.74 -20.96
N TYR C 18 -8.56 -17.33 -20.65
CA TYR C 18 -7.83 -16.37 -21.45
C TYR C 18 -6.34 -16.54 -21.11
N GLY C 19 -5.48 -16.15 -22.04
CA GLY C 19 -4.04 -16.19 -21.83
C GLY C 19 -3.45 -17.59 -21.89
N VAL C 20 -2.16 -17.71 -21.61
CA VAL C 20 -1.48 -19.00 -21.60
C VAL C 20 -0.79 -19.20 -20.27
N VAL C 21 -0.98 -20.36 -19.66
CA VAL C 21 -0.40 -20.67 -18.33
C VAL C 21 0.88 -21.49 -18.44
N TYR C 22 1.93 -21.00 -17.80
CA TYR C 22 3.25 -21.63 -17.82
C TYR C 22 3.67 -21.98 -16.39
N LYS C 23 4.51 -23.02 -16.29
CA LYS C 23 5.26 -23.28 -15.06
C LYS C 23 6.60 -22.57 -15.17
N ALA C 24 6.99 -21.89 -14.10
CA ALA C 24 8.25 -21.16 -14.05
C ALA C 24 8.88 -21.23 -12.67
N ARG C 25 10.16 -20.90 -12.59
CA ARG C 25 10.79 -20.77 -11.30
C ARG C 25 11.53 -19.42 -11.15
N ASN C 26 11.40 -18.86 -9.95
CA ASN C 26 12.12 -17.67 -9.57
C ASN C 26 13.57 -18.08 -9.34
N LYS C 27 14.47 -17.59 -10.19
CA LYS C 27 15.89 -17.94 -10.14
C LYS C 27 16.54 -17.55 -8.80
N LEU C 28 16.09 -16.45 -8.22
CA LEU C 28 16.72 -15.91 -7.02
C LEU C 28 16.26 -16.61 -5.74
N THR C 29 14.96 -16.94 -5.66
CA THR C 29 14.40 -17.52 -4.43
C THR C 29 14.16 -19.03 -4.52
N GLY C 30 14.14 -19.55 -5.74
CA GLY C 30 13.85 -20.97 -5.96
C GLY C 30 12.38 -21.32 -6.06
N GLU C 31 11.52 -20.34 -5.79
CA GLU C 31 10.07 -20.59 -5.79
C GLU C 31 9.60 -20.99 -7.16
N VAL C 32 8.83 -22.06 -7.21
CA VAL C 32 8.17 -22.47 -8.43
C VAL C 32 6.81 -21.78 -8.43
N VAL C 33 6.50 -21.10 -9.54
CA VAL C 33 5.25 -20.35 -9.66
C VAL C 33 4.57 -20.73 -10.97
N ALA C 34 3.31 -20.32 -11.12
CA ALA C 34 2.63 -20.34 -12.43
C ALA C 34 2.58 -18.93 -12.99
N LEU C 35 2.87 -18.79 -14.28
CA LEU C 35 2.75 -17.51 -14.97
C LEU C 35 1.62 -17.57 -15.96
N LYS C 36 0.70 -16.60 -15.90
CA LYS C 36 -0.36 -16.51 -16.89
C LYS C 36 -0.05 -15.32 -17.78
N LYS C 37 0.25 -15.62 -19.05
CA LYS C 37 0.69 -14.61 -19.98
C LYS C 37 -0.46 -14.08 -20.84
N ILE C 38 -0.58 -12.77 -20.84
CA ILE C 38 -1.69 -12.06 -21.49
C ILE C 38 -1.10 -11.14 -22.54
N ARG C 39 -1.57 -11.30 -23.77
CA ARG C 39 -1.15 -10.41 -24.86
C ARG C 39 -1.92 -9.10 -24.77
N LEU C 40 -1.19 -8.00 -24.87
CA LEU C 40 -1.78 -6.67 -24.84
C LEU C 40 -1.92 -6.08 -26.24
N ASP C 41 -3.15 -5.74 -26.58
CA ASP C 41 -3.50 -5.13 -27.87
C ASP C 41 -3.26 -3.62 -27.80
N THR C 42 -2.00 -3.22 -27.87
CA THR C 42 -1.60 -1.84 -27.58
C THR C 42 -1.97 -0.77 -28.62
N GLU C 43 -2.38 -1.19 -29.82
CA GLU C 43 -2.83 -0.26 -30.84
C GLU C 43 -4.33 -0.33 -31.11
N THR C 44 -4.99 -1.34 -30.55
CA THR C 44 -6.41 -1.55 -30.83
C THR C 44 -7.27 -1.55 -29.58
N GLU C 45 -7.16 -2.60 -28.76
CA GLU C 45 -8.15 -2.80 -27.71
C GLU C 45 -7.65 -2.60 -26.26
N GLY C 46 -6.34 -2.56 -26.08
CA GLY C 46 -5.72 -2.35 -24.75
C GLY C 46 -5.88 -3.57 -23.86
N VAL C 47 -6.01 -3.36 -22.55
CA VAL C 47 -6.01 -4.45 -21.60
C VAL C 47 -7.39 -5.15 -21.62
N PRO C 48 -7.40 -6.49 -21.75
CA PRO C 48 -8.67 -7.24 -21.87
C PRO C 48 -9.48 -7.18 -20.59
N SER C 49 -10.80 -7.10 -20.71
CA SER C 49 -11.70 -7.03 -19.58
C SER C 49 -11.58 -8.26 -18.66
N THR C 50 -11.28 -9.41 -19.27
CA THR C 50 -11.04 -10.65 -18.53
C THR C 50 -9.89 -10.52 -17.52
N ALA C 51 -8.79 -9.92 -17.94
CA ALA C 51 -7.64 -9.67 -17.06
C ALA C 51 -7.98 -8.64 -15.99
N ILE C 52 -8.60 -7.54 -16.40
CA ILE C 52 -9.01 -6.46 -15.51
C ILE C 52 -9.83 -7.01 -14.34
N ARG C 53 -10.88 -7.77 -14.67
CA ARG C 53 -11.71 -8.42 -13.67
C ARG C 53 -10.94 -9.44 -12.85
N GLU C 54 -10.18 -10.33 -13.49
CA GLU C 54 -9.48 -11.36 -12.71
C GLU C 54 -8.52 -10.72 -11.72
N ILE C 55 -7.69 -9.80 -12.19
CA ILE C 55 -6.70 -9.18 -11.31
C ILE C 55 -7.37 -8.45 -10.14
N SER C 56 -8.32 -7.57 -10.44
N SER C 56 -8.32 -7.57 -10.44
CA SER C 56 -9.00 -6.78 -9.40
CA SER C 56 -9.00 -6.77 -9.41
C SER C 56 -9.62 -7.69 -8.33
C SER C 56 -9.64 -7.67 -8.34
N LEU C 57 -10.32 -8.73 -8.78
CA LEU C 57 -11.03 -9.62 -7.87
C LEU C 57 -10.08 -10.48 -7.07
N LEU C 58 -9.04 -11.00 -7.72
CA LEU C 58 -8.12 -11.91 -7.04
C LEU C 58 -7.24 -11.16 -6.03
N LYS C 59 -7.00 -9.89 -6.29
CA LYS C 59 -6.29 -9.05 -5.32
C LYS C 59 -7.13 -8.80 -4.05
N GLU C 60 -8.45 -8.84 -4.20
CA GLU C 60 -9.37 -8.71 -3.08
C GLU C 60 -9.51 -10.00 -2.30
N LEU C 61 -9.51 -11.12 -3.02
CA LEU C 61 -9.87 -12.41 -2.41
C LEU C 61 -8.67 -13.15 -1.86
N ASN C 62 -8.48 -13.08 -0.55
CA ASN C 62 -7.46 -13.89 0.12
C ASN C 62 -8.11 -14.95 1.01
N HIS C 63 -7.98 -16.21 0.58
CA HIS C 63 -8.61 -17.36 1.25
C HIS C 63 -7.82 -18.60 0.93
N PRO C 64 -7.71 -19.54 1.91
CA PRO C 64 -6.97 -20.79 1.73
C PRO C 64 -7.39 -21.60 0.50
N ASN C 65 -8.65 -21.48 0.08
CA ASN C 65 -9.16 -22.25 -1.07
C ASN C 65 -9.40 -21.43 -2.32
N ILE C 66 -8.64 -20.33 -2.44
CA ILE C 66 -8.59 -19.53 -3.67
C ILE C 66 -7.13 -19.34 -4.04
N VAL C 67 -6.79 -19.64 -5.28
CA VAL C 67 -5.43 -19.54 -5.77
C VAL C 67 -4.86 -18.16 -5.42
N LYS C 68 -3.64 -18.15 -4.93
CA LYS C 68 -2.98 -16.92 -4.52
C LYS C 68 -2.28 -16.23 -5.69
N LEU C 69 -2.74 -15.03 -6.01
CA LEU C 69 -2.06 -14.17 -6.98
C LEU C 69 -0.92 -13.49 -6.25
N LEU C 70 0.29 -13.63 -6.77
CA LEU C 70 1.47 -13.14 -6.06
C LEU C 70 1.92 -11.78 -6.59
N ASP C 71 1.79 -11.58 -7.90
CA ASP C 71 2.33 -10.39 -8.54
C ASP C 71 1.73 -10.25 -9.93
N VAL C 72 1.74 -9.03 -10.45
CA VAL C 72 1.35 -8.73 -11.83
C VAL C 72 2.51 -7.99 -12.44
N ILE C 73 3.11 -8.56 -13.48
CA ILE C 73 4.32 -7.97 -14.07
C ILE C 73 4.00 -7.41 -15.44
N HIS C 74 4.39 -6.19 -15.68
CA HIS C 74 3.84 -5.36 -16.74
C HIS C 74 4.54 -5.13 -17.99
N THR C 75 3.96 -4.12 -18.61
CA THR C 75 3.80 -4.01 -20.01
C THR C 75 4.02 -2.65 -20.46
N GLU C 76 4.79 -2.56 -21.51
CA GLU C 76 4.46 -1.95 -22.73
C GLU C 76 3.51 -2.95 -23.38
N ASN C 77 4.03 -4.18 -23.64
CA ASN C 77 3.39 -5.16 -24.50
C ASN C 77 2.90 -6.54 -24.03
N LYS C 78 3.27 -6.95 -22.82
CA LYS C 78 2.71 -8.20 -22.26
C LYS C 78 2.42 -8.05 -20.78
N LEU C 79 1.38 -8.73 -20.31
CA LEU C 79 1.07 -8.78 -18.89
C LEU C 79 1.25 -10.21 -18.40
N TYR C 80 1.95 -10.37 -17.28
CA TYR C 80 2.12 -11.68 -16.64
C TYR C 80 1.52 -11.68 -15.23
N LEU C 81 0.57 -12.55 -14.98
CA LEU C 81 0.10 -12.78 -13.62
C LEU C 81 0.96 -13.88 -13.00
N VAL C 82 1.49 -13.63 -11.81
CA VAL C 82 2.32 -14.61 -11.10
C VAL C 82 1.47 -15.19 -9.99
N PHE C 83 1.27 -16.51 -10.03
CA PHE C 83 0.54 -17.26 -9.01
C PHE C 83 1.47 -18.22 -8.29
N GLU C 84 1.09 -18.61 -7.08
CA GLU C 84 1.67 -19.79 -6.44
C GLU C 84 1.46 -21.02 -7.33
N PHE C 85 2.40 -21.95 -7.32
CA PHE C 85 2.25 -23.21 -8.02
C PHE C 85 1.85 -24.35 -7.09
N LEU C 86 0.80 -25.05 -7.46
CA LEU C 86 0.31 -26.10 -6.64
C LEU C 86 0.81 -27.44 -7.17
N HIS C 87 -0.07 -28.34 -7.56
CA HIS C 87 0.34 -29.56 -8.21
C HIS C 87 -0.23 -29.75 -9.59
N GLN C 88 -1.54 -29.80 -9.71
CA GLN C 88 -2.22 -29.98 -11.00
C GLN C 88 -3.70 -29.65 -10.87
N ASP C 89 -4.38 -29.47 -12.00
CA ASP C 89 -5.81 -29.24 -11.99
C ASP C 89 -6.55 -30.55 -11.73
N LEU C 90 -7.80 -30.43 -11.27
CA LEU C 90 -8.59 -31.56 -10.83
C LEU C 90 -8.97 -32.47 -11.99
N LYS C 91 -9.10 -31.90 -13.18
CA LYS C 91 -9.35 -32.67 -14.40
C LYS C 91 -8.23 -33.70 -14.64
N LYS C 92 -6.98 -33.27 -14.49
CA LYS C 92 -5.84 -34.17 -14.63
C LYS C 92 -5.80 -35.23 -13.52
N PHE C 93 -6.16 -34.83 -12.30
CA PHE C 93 -6.19 -35.77 -11.17
C PHE C 93 -7.29 -36.83 -11.33
N MET C 94 -8.44 -36.41 -11.84
CA MET C 94 -9.52 -37.35 -12.09
C MET C 94 -9.13 -38.35 -13.17
N ASP C 95 -8.51 -37.84 -14.24
CA ASP C 95 -7.99 -38.67 -15.33
C ASP C 95 -6.96 -39.71 -14.82
N ALA C 96 -6.02 -39.26 -13.98
CA ALA C 96 -5.04 -40.14 -13.36
C ALA C 96 -5.69 -41.15 -12.40
N SER C 97 -6.86 -40.82 -11.90
CA SER C 97 -7.60 -41.66 -10.95
C SER C 97 -8.71 -42.47 -11.62
N ALA C 98 -8.70 -42.55 -12.95
CA ALA C 98 -9.84 -43.11 -13.69
C ALA C 98 -10.06 -44.60 -13.42
N LEU C 99 -8.97 -45.32 -13.14
CA LEU C 99 -9.04 -46.75 -12.79
C LEU C 99 -9.11 -47.01 -11.27
N THR C 100 -8.34 -46.26 -10.48
CA THR C 100 -8.30 -46.48 -9.03
C THR C 100 -9.51 -45.86 -8.30
N GLY C 101 -10.06 -44.79 -8.88
CA GLY C 101 -11.11 -44.01 -8.23
C GLY C 101 -10.55 -43.06 -7.19
N ILE C 102 -11.41 -42.17 -6.68
CA ILE C 102 -11.03 -41.21 -5.65
C ILE C 102 -11.69 -41.60 -4.31
N PRO C 103 -10.87 -41.81 -3.25
CA PRO C 103 -11.46 -42.27 -1.99
C PRO C 103 -12.50 -41.27 -1.48
N LEU C 104 -13.64 -41.78 -0.98
CA LEU C 104 -14.73 -40.90 -0.54
C LEU C 104 -14.31 -39.82 0.48
N PRO C 105 -13.44 -40.18 1.46
CA PRO C 105 -12.94 -39.13 2.36
C PRO C 105 -12.21 -37.98 1.64
N LEU C 106 -11.51 -38.27 0.54
CA LEU C 106 -10.87 -37.23 -0.26
C LEU C 106 -11.88 -36.40 -1.05
N ILE C 107 -12.91 -37.05 -1.59
CA ILE C 107 -13.99 -36.35 -2.32
C ILE C 107 -14.72 -35.35 -1.41
N LYS C 108 -15.08 -35.85 -0.22
CA LYS C 108 -15.70 -35.04 0.83
C LYS C 108 -14.84 -33.82 1.20
N SER C 109 -13.56 -34.05 1.50
CA SER C 109 -12.59 -33.00 1.80
C SER C 109 -12.54 -31.95 0.69
N TYR C 110 -12.43 -32.42 -0.55
CA TYR C 110 -12.39 -31.51 -1.69
C TYR C 110 -13.64 -30.66 -1.83
N LEU C 111 -14.81 -31.28 -1.74
CA LEU C 111 -16.06 -30.53 -1.82
C LEU C 111 -16.21 -29.50 -0.68
N PHE C 112 -15.82 -29.89 0.53
CA PHE C 112 -15.86 -29.02 1.71
C PHE C 112 -15.01 -27.79 1.45
N GLN C 113 -13.79 -28.00 0.95
CA GLN C 113 -12.87 -26.90 0.67
C GLN C 113 -13.37 -26.01 -0.48
N LEU C 114 -13.94 -26.64 -1.51
CA LEU C 114 -14.47 -25.90 -2.66
C LEU C 114 -15.60 -24.99 -2.22
N LEU C 115 -16.50 -25.52 -1.39
CA LEU C 115 -17.62 -24.73 -0.85
C LEU C 115 -17.16 -23.57 0.06
N GLN C 116 -16.11 -23.78 0.85
CA GLN C 116 -15.56 -22.69 1.69
C GLN C 116 -15.01 -21.57 0.82
N GLY C 117 -14.24 -21.94 -0.20
CA GLY C 117 -13.71 -21.01 -1.20
C GLY C 117 -14.83 -20.25 -1.88
N LEU C 118 -15.89 -20.97 -2.25
CA LEU C 118 -17.01 -20.36 -2.97
C LEU C 118 -17.84 -19.45 -2.08
N ALA C 119 -18.15 -19.92 -0.86
CA ALA C 119 -18.85 -19.08 0.12
C ALA C 119 -18.11 -17.75 0.31
N PHE C 120 -16.78 -17.82 0.38
CA PHE C 120 -15.97 -16.64 0.49
C PHE C 120 -16.18 -15.70 -0.70
N CYS C 121 -16.15 -16.27 -1.92
CA CYS C 121 -16.41 -15.50 -3.14
C CYS C 121 -17.75 -14.77 -3.04
N HIS C 122 -18.81 -15.53 -2.80
CA HIS C 122 -20.16 -14.99 -2.79
C HIS C 122 -20.34 -13.95 -1.69
N SER C 123 -19.74 -14.19 -0.52
CA SER C 123 -19.69 -13.19 0.58
C SER C 123 -18.96 -11.91 0.24
N HIS C 124 -18.15 -11.96 -0.82
CA HIS C 124 -17.40 -10.80 -1.29
C HIS C 124 -17.89 -10.35 -2.65
N ARG C 125 -19.16 -10.68 -2.93
CA ARG C 125 -19.90 -10.24 -4.12
C ARG C 125 -19.23 -10.60 -5.45
N VAL C 126 -18.63 -11.79 -5.49
CA VAL C 126 -17.97 -12.31 -6.69
C VAL C 126 -18.71 -13.57 -7.16
N LEU C 127 -19.09 -13.58 -8.44
CA LEU C 127 -19.55 -14.79 -9.12
C LEU C 127 -18.39 -15.37 -9.91
N HIS C 128 -18.15 -16.68 -9.81
CA HIS C 128 -17.02 -17.30 -10.56
C HIS C 128 -17.38 -17.53 -12.01
N ARG C 129 -18.46 -18.27 -12.23
CA ARG C 129 -19.09 -18.49 -13.56
C ARG C 129 -18.32 -19.38 -14.53
N ASP C 130 -17.31 -20.08 -14.03
CA ASP C 130 -16.70 -21.15 -14.83
C ASP C 130 -16.09 -22.25 -13.97
N LEU C 131 -16.88 -22.72 -13.01
CA LEU C 131 -16.45 -23.79 -12.15
C LEU C 131 -16.50 -25.11 -12.91
N LYS C 132 -15.33 -25.67 -13.16
CA LYS C 132 -15.15 -26.96 -13.84
C LYS C 132 -13.83 -27.52 -13.36
N PRO C 133 -13.64 -28.85 -13.44
CA PRO C 133 -12.45 -29.49 -12.88
C PRO C 133 -11.13 -28.86 -13.32
N GLU C 134 -11.04 -28.43 -14.58
CA GLU C 134 -9.83 -27.82 -15.11
C GLU C 134 -9.45 -26.50 -14.41
N ASN C 135 -10.45 -25.82 -13.82
CA ASN C 135 -10.27 -24.53 -13.17
C ASN C 135 -10.10 -24.68 -11.66
N LEU C 136 -10.00 -25.92 -11.20
CA LEU C 136 -9.76 -26.24 -9.79
C LEU C 136 -8.40 -26.87 -9.64
N LEU C 137 -7.67 -26.49 -8.58
CA LEU C 137 -6.27 -26.86 -8.46
C LEU C 137 -5.98 -27.58 -7.16
N ILE C 138 -5.33 -28.75 -7.23
CA ILE C 138 -4.94 -29.48 -6.02
C ILE C 138 -3.44 -29.33 -5.75
N ASN C 139 -3.05 -29.43 -4.48
CA ASN C 139 -1.63 -29.61 -4.14
C ASN C 139 -1.37 -31.06 -3.67
N THR C 140 -0.15 -31.33 -3.25
CA THR C 140 0.25 -32.67 -2.82
C THR C 140 -0.11 -32.95 -1.34
N GLU C 141 -0.62 -31.94 -0.65
CA GLU C 141 -0.92 -32.03 0.78
C GLU C 141 -2.38 -32.25 1.13
N GLY C 142 -3.26 -32.13 0.13
CA GLY C 142 -4.68 -32.37 0.35
C GLY C 142 -5.56 -31.14 0.18
N ALA C 143 -4.97 -30.00 -0.12
CA ALA C 143 -5.74 -28.80 -0.40
C ALA C 143 -6.28 -28.80 -1.82
N ILE C 144 -7.39 -28.08 -2.03
CA ILE C 144 -7.89 -27.77 -3.38
C ILE C 144 -8.32 -26.29 -3.39
N LYS C 145 -8.12 -25.60 -4.51
CA LYS C 145 -8.38 -24.17 -4.59
C LYS C 145 -9.09 -23.81 -5.90
N LEU C 146 -10.02 -22.85 -5.83
CA LEU C 146 -10.58 -22.22 -7.04
C LEU C 146 -9.54 -21.38 -7.80
N ALA C 147 -9.55 -21.49 -9.12
CA ALA C 147 -8.68 -20.67 -9.94
C ALA C 147 -9.39 -20.25 -11.22
N ASP C 148 -8.64 -19.52 -12.04
CA ASP C 148 -9.11 -18.95 -13.31
C ASP C 148 -10.38 -18.13 -13.16
N PHE C 149 -10.20 -16.87 -12.75
CA PHE C 149 -11.30 -15.93 -12.51
C PHE C 149 -11.49 -15.00 -13.71
N GLY C 150 -11.03 -15.47 -14.88
CA GLY C 150 -11.20 -14.73 -16.13
C GLY C 150 -12.66 -14.48 -16.51
N LEU C 151 -13.55 -15.39 -16.12
CA LEU C 151 -14.98 -15.23 -16.44
C LEU C 151 -15.80 -14.75 -15.24
N ALA C 152 -15.11 -14.34 -14.18
CA ALA C 152 -15.79 -13.94 -12.95
C ALA C 152 -16.34 -12.50 -13.06
N ARG C 153 -17.26 -12.12 -12.18
CA ARG C 153 -17.74 -10.73 -12.16
C ARG C 153 -18.16 -10.30 -10.75
N ALA C 154 -17.91 -9.04 -10.42
CA ALA C 154 -18.41 -8.46 -9.16
C ALA C 154 -19.89 -8.14 -9.32
N PHE C 155 -20.74 -8.80 -8.54
CA PHE C 155 -22.16 -8.62 -8.72
C PHE C 155 -22.76 -7.59 -7.77
N GLY C 156 -24.01 -7.19 -8.03
CA GLY C 156 -24.70 -6.19 -7.20
C GLY C 156 -25.81 -6.83 -6.40
N VAL C 157 -26.26 -6.13 -5.36
CA VAL C 157 -27.41 -6.56 -4.57
C VAL C 157 -28.53 -5.53 -4.73
N PRO C 158 -29.66 -5.91 -5.38
CA PRO C 158 -29.87 -7.22 -6.03
C PRO C 158 -29.15 -7.27 -7.37
N VAL C 159 -29.07 -8.44 -8.00
CA VAL C 159 -28.37 -8.55 -9.30
C VAL C 159 -29.15 -7.86 -10.40
N ARG C 160 -28.45 -7.32 -11.38
CA ARG C 160 -29.08 -6.97 -12.65
C ARG C 160 -28.65 -7.97 -13.73
N THR C 161 -29.05 -7.75 -14.97
CA THR C 161 -28.80 -8.70 -16.06
C THR C 161 -27.30 -8.71 -16.37
N TYR C 162 -26.69 -9.88 -16.35
CA TYR C 162 -25.28 -10.00 -16.70
C TYR C 162 -25.10 -10.79 -18.00
N TPO C 163 -23.84 -11.10 -18.36
CA TPO C 163 -23.52 -11.73 -19.66
CB TPO C 163 -22.01 -11.94 -19.82
CG2 TPO C 163 -21.66 -12.57 -21.17
OG1 TPO C 163 -21.37 -10.67 -19.72
P TPO C 163 -20.50 -10.20 -18.43
O1P TPO C 163 -21.44 -10.34 -17.26
O2P TPO C 163 -20.11 -8.78 -18.72
O3P TPO C 163 -19.33 -11.17 -18.42
C TPO C 163 -24.25 -13.05 -19.77
O TPO C 163 -24.24 -13.84 -18.84
N HIS C 164 -24.89 -13.29 -20.91
CA HIS C 164 -25.60 -14.55 -21.10
C HIS C 164 -24.70 -15.73 -21.37
N GLU C 165 -23.58 -15.51 -22.05
CA GLU C 165 -22.63 -16.57 -22.42
C GLU C 165 -21.81 -17.04 -21.24
N VAL C 166 -22.43 -17.73 -20.28
CA VAL C 166 -21.65 -18.09 -19.09
C VAL C 166 -21.64 -19.55 -18.70
N VAL C 167 -20.49 -19.97 -18.18
CA VAL C 167 -20.25 -21.32 -17.65
C VAL C 167 -20.07 -22.28 -18.81
N THR C 168 -19.00 -23.06 -18.76
N THR C 168 -19.00 -23.07 -18.77
CA THR C 168 -18.77 -24.16 -19.69
CA THR C 168 -18.77 -24.11 -19.75
C THR C 168 -20.00 -25.06 -19.70
C THR C 168 -19.95 -25.08 -19.71
N LEU C 169 -20.46 -25.40 -20.90
CA LEU C 169 -21.76 -26.09 -21.09
C LEU C 169 -22.13 -27.24 -20.14
N TRP C 170 -21.24 -28.20 -19.94
CA TRP C 170 -21.50 -29.37 -19.07
C TRP C 170 -21.87 -28.98 -17.64
N TYR C 171 -21.37 -27.81 -17.22
CA TYR C 171 -21.51 -27.35 -15.83
C TYR C 171 -22.48 -26.18 -15.66
N ARG C 172 -23.23 -25.88 -16.73
CA ARG C 172 -24.12 -24.72 -16.81
C ARG C 172 -25.50 -24.98 -16.21
N ALA C 173 -25.95 -24.08 -15.32
CA ALA C 173 -27.25 -24.20 -14.63
C ALA C 173 -28.44 -24.04 -15.57
N PRO C 174 -29.60 -24.66 -15.23
CA PRO C 174 -30.79 -24.58 -16.07
C PRO C 174 -31.33 -23.16 -16.29
N GLU C 175 -31.20 -22.28 -15.30
CA GLU C 175 -31.66 -20.88 -15.45
C GLU C 175 -30.91 -20.11 -16.56
N ILE C 176 -29.64 -20.43 -16.78
CA ILE C 176 -28.85 -19.87 -17.89
C ILE C 176 -29.33 -20.48 -19.21
N LEU C 177 -29.45 -21.81 -19.25
CA LEU C 177 -29.89 -22.52 -20.45
C LEU C 177 -31.30 -22.11 -20.86
N LEU C 178 -32.14 -21.84 -19.88
CA LEU C 178 -33.53 -21.43 -20.18
C LEU C 178 -33.66 -19.93 -20.42
N GLY C 179 -32.55 -19.21 -20.27
CA GLY C 179 -32.49 -17.79 -20.67
C GLY C 179 -33.11 -16.80 -19.72
N CYS C 180 -33.05 -17.09 -18.42
CA CYS C 180 -33.58 -16.21 -17.37
C CYS C 180 -32.88 -14.85 -17.36
N LYS C 181 -33.67 -13.78 -17.22
CA LYS C 181 -33.16 -12.42 -17.21
C LYS C 181 -32.11 -12.21 -16.13
N TYR C 182 -32.28 -12.91 -15.01
CA TYR C 182 -31.38 -12.81 -13.88
C TYR C 182 -30.81 -14.16 -13.48
N TYR C 183 -29.55 -14.14 -13.07
CA TYR C 183 -28.94 -15.28 -12.40
C TYR C 183 -27.98 -14.72 -11.36
N SER C 184 -27.63 -15.54 -10.40
CA SER C 184 -26.77 -15.12 -9.33
C SER C 184 -26.03 -16.33 -8.81
N THR C 185 -25.61 -16.26 -7.55
CA THR C 185 -24.74 -17.23 -6.92
C THR C 185 -25.14 -18.69 -7.13
N ALA C 186 -26.44 -18.94 -7.31
CA ALA C 186 -26.92 -20.31 -7.53
C ALA C 186 -26.26 -21.02 -8.73
N VAL C 187 -25.78 -20.25 -9.71
CA VAL C 187 -25.15 -20.87 -10.90
C VAL C 187 -23.82 -21.55 -10.58
N ASP C 188 -23.08 -21.01 -9.61
CA ASP C 188 -21.83 -21.62 -9.12
C ASP C 188 -22.08 -22.90 -8.28
N ILE C 189 -23.14 -22.88 -7.47
CA ILE C 189 -23.53 -24.08 -6.71
C ILE C 189 -23.87 -25.24 -7.67
N TRP C 190 -24.64 -24.94 -8.71
CA TRP C 190 -24.98 -25.95 -9.72
C TRP C 190 -23.74 -26.61 -10.27
N SER C 191 -22.80 -25.80 -10.73
CA SER C 191 -21.50 -26.30 -11.20
C SER C 191 -20.80 -27.21 -10.20
N LEU C 192 -20.75 -26.79 -8.94
CA LEU C 192 -20.11 -27.58 -7.91
C LEU C 192 -20.83 -28.91 -7.70
N GLY C 193 -22.14 -28.91 -7.90
CA GLY C 193 -22.97 -30.11 -7.79
C GLY C 193 -22.60 -31.09 -8.88
N CYS C 194 -22.41 -30.57 -10.10
CA CYS C 194 -21.93 -31.37 -11.22
C CYS C 194 -20.54 -31.95 -10.97
N ILE C 195 -19.67 -31.15 -10.35
CA ILE C 195 -18.31 -31.57 -10.03
C ILE C 195 -18.31 -32.64 -8.94
N PHE C 196 -19.16 -32.44 -7.93
CA PHE C 196 -19.38 -33.44 -6.87
C PHE C 196 -19.67 -34.82 -7.46
N ALA C 197 -20.69 -34.87 -8.31
CA ALA C 197 -21.10 -36.10 -8.99
C ALA C 197 -19.97 -36.70 -9.85
N GLU C 198 -19.23 -35.83 -10.54
CA GLU C 198 -18.14 -36.23 -11.41
C GLU C 198 -16.97 -36.87 -10.66
N MET C 199 -16.59 -36.31 -9.51
CA MET C 199 -15.58 -36.93 -8.65
C MET C 199 -15.99 -38.36 -8.23
N VAL C 200 -17.28 -38.55 -7.98
CA VAL C 200 -17.79 -39.84 -7.48
C VAL C 200 -17.76 -40.90 -8.59
N THR C 201 -18.36 -40.57 -9.73
CA THR C 201 -18.46 -41.51 -10.87
C THR C 201 -17.24 -41.54 -11.79
N ARG C 202 -16.40 -40.51 -11.67
CA ARG C 202 -15.29 -40.28 -12.60
C ARG C 202 -15.79 -40.00 -14.04
N ARG C 203 -17.09 -39.75 -14.18
CA ARG C 203 -17.66 -39.31 -15.46
C ARG C 203 -18.53 -38.05 -15.30
N ALA C 204 -18.53 -37.20 -16.33
CA ALA C 204 -19.34 -35.97 -16.32
C ALA C 204 -20.81 -36.30 -16.18
N LEU C 205 -21.49 -35.59 -15.28
CA LEU C 205 -22.91 -35.86 -14.98
C LEU C 205 -23.84 -35.53 -16.14
N PHE C 206 -23.63 -34.38 -16.78
CA PHE C 206 -24.42 -33.95 -17.94
C PHE C 206 -23.49 -33.54 -19.11
N PRO C 207 -23.00 -34.52 -19.90
CA PRO C 207 -22.05 -34.18 -20.97
C PRO C 207 -22.71 -33.77 -22.30
N GLY C 208 -23.44 -32.66 -22.31
CA GLY C 208 -24.16 -32.21 -23.50
C GLY C 208 -23.27 -31.70 -24.64
N ASP C 209 -23.77 -31.80 -25.87
CA ASP C 209 -23.06 -31.35 -27.07
C ASP C 209 -23.61 -30.01 -27.59
N SER C 210 -24.74 -29.59 -27.03
CA SER C 210 -25.38 -28.33 -27.42
C SER C 210 -26.31 -27.94 -26.27
N GLU C 211 -26.88 -26.73 -26.34
CA GLU C 211 -27.75 -26.21 -25.27
C GLU C 211 -28.97 -27.09 -25.03
N ILE C 212 -29.64 -27.47 -26.12
CA ILE C 212 -30.82 -28.32 -26.00
C ILE C 212 -30.44 -29.72 -25.53
N ASP C 213 -29.30 -30.24 -26.01
CA ASP C 213 -28.83 -31.56 -25.57
C ASP C 213 -28.47 -31.51 -24.08
N GLN C 214 -27.84 -30.42 -23.65
CA GLN C 214 -27.56 -30.16 -22.23
C GLN C 214 -28.84 -30.15 -21.38
N LEU C 215 -29.86 -29.43 -21.84
CA LEU C 215 -31.15 -29.38 -21.15
C LEU C 215 -31.81 -30.76 -21.06
N PHE C 216 -31.77 -31.52 -22.16
CA PHE C 216 -32.43 -32.83 -22.22
C PHE C 216 -31.78 -33.81 -21.25
N ARG C 217 -30.45 -33.74 -21.16
CA ARG C 217 -29.73 -34.60 -20.23
C ARG C 217 -30.06 -34.26 -18.77
N ILE C 218 -30.24 -32.98 -18.49
CA ILE C 218 -30.63 -32.57 -17.14
C ILE C 218 -32.04 -33.11 -16.85
N PHE C 219 -32.97 -32.82 -17.77
CA PHE C 219 -34.37 -33.24 -17.66
C PHE C 219 -34.54 -34.74 -17.42
N ARG C 220 -33.83 -35.56 -18.19
CA ARG C 220 -34.01 -37.00 -18.10
C ARG C 220 -33.44 -37.57 -16.79
N THR C 221 -32.49 -36.84 -16.21
CA THR C 221 -31.84 -37.22 -14.97
C THR C 221 -32.65 -36.75 -13.76
N LEU C 222 -33.04 -35.47 -13.77
CA LEU C 222 -33.74 -34.85 -12.65
C LEU C 222 -35.24 -34.72 -12.83
N GLY C 223 -35.76 -35.23 -13.95
CA GLY C 223 -37.16 -35.06 -14.29
C GLY C 223 -37.32 -33.67 -14.86
N THR C 224 -38.28 -33.50 -15.77
CA THR C 224 -38.51 -32.18 -16.37
C THR C 224 -39.22 -31.28 -15.38
N PRO C 225 -38.64 -30.08 -15.11
CA PRO C 225 -39.23 -29.17 -14.15
C PRO C 225 -40.62 -28.69 -14.59
N ASP C 226 -41.55 -28.59 -13.65
N ASP C 226 -41.52 -28.59 -13.61
CA ASP C 226 -42.83 -27.95 -13.94
CA ASP C 226 -42.88 -28.09 -13.79
C ASP C 226 -43.10 -26.81 -12.96
C ASP C 226 -43.10 -26.82 -12.96
N GLU C 227 -44.30 -26.24 -13.05
CA GLU C 227 -44.66 -25.05 -12.26
C GLU C 227 -44.61 -25.25 -10.74
N VAL C 228 -44.73 -26.50 -10.29
CA VAL C 228 -44.67 -26.81 -8.86
C VAL C 228 -43.22 -26.74 -8.33
N VAL C 229 -42.32 -27.53 -8.94
CA VAL C 229 -40.93 -27.63 -8.49
C VAL C 229 -40.16 -26.31 -8.70
N TRP C 230 -40.61 -25.54 -9.69
CA TRP C 230 -39.94 -24.28 -10.05
C TRP C 230 -40.93 -23.32 -10.65
N PRO C 231 -41.62 -22.54 -9.79
CA PRO C 231 -42.59 -21.54 -10.27
C PRO C 231 -42.01 -20.61 -11.35
N GLY C 232 -42.63 -20.64 -12.54
CA GLY C 232 -42.20 -19.79 -13.64
C GLY C 232 -41.47 -20.46 -14.80
N VAL C 233 -41.05 -21.72 -14.63
CA VAL C 233 -40.23 -22.40 -15.65
C VAL C 233 -40.85 -22.32 -17.03
N THR C 234 -42.16 -22.56 -17.09
CA THR C 234 -42.88 -22.76 -18.36
C THR C 234 -43.02 -21.50 -19.24
N SER C 235 -42.82 -20.34 -18.62
CA SER C 235 -42.95 -19.05 -19.30
C SER C 235 -41.59 -18.37 -19.52
N MET C 236 -40.51 -19.09 -19.22
CA MET C 236 -39.14 -18.62 -19.46
C MET C 236 -38.76 -18.61 -20.94
N PRO C 237 -37.95 -17.60 -21.36
CA PRO C 237 -37.67 -17.33 -22.77
C PRO C 237 -37.31 -18.55 -23.62
N ASP C 238 -36.46 -19.43 -23.10
CA ASP C 238 -36.03 -20.61 -23.86
C ASP C 238 -36.67 -21.92 -23.39
N TYR C 239 -37.77 -21.81 -22.65
CA TYR C 239 -38.57 -22.99 -22.37
C TYR C 239 -39.57 -23.20 -23.50
N LYS C 240 -39.47 -24.34 -24.18
CA LYS C 240 -40.37 -24.67 -25.28
C LYS C 240 -41.54 -25.50 -24.76
N PRO C 241 -42.79 -25.13 -25.12
CA PRO C 241 -43.97 -25.92 -24.77
C PRO C 241 -43.90 -27.35 -25.27
N SER C 242 -43.10 -27.60 -26.31
CA SER C 242 -42.95 -28.93 -26.88
C SER C 242 -41.92 -29.80 -26.15
N PHE C 243 -41.22 -29.22 -25.18
CA PHE C 243 -40.29 -29.98 -24.32
C PHE C 243 -40.97 -31.24 -23.79
N PRO C 244 -40.25 -32.36 -23.76
CA PRO C 244 -40.81 -33.59 -23.17
C PRO C 244 -41.02 -33.41 -21.66
N LYS C 245 -42.07 -34.03 -21.12
CA LYS C 245 -42.32 -33.98 -19.69
C LYS C 245 -41.93 -35.32 -19.10
N TRP C 246 -40.63 -35.50 -18.88
CA TRP C 246 -40.08 -36.73 -18.33
C TRP C 246 -40.13 -36.80 -16.83
N ALA C 247 -40.43 -37.99 -16.33
CA ALA C 247 -40.51 -38.24 -14.88
C ALA C 247 -39.12 -38.19 -14.24
N ARG C 248 -39.09 -37.81 -12.96
CA ARG C 248 -37.87 -37.81 -12.16
C ARG C 248 -37.62 -39.21 -11.63
N GLN C 249 -36.49 -39.78 -12.03
CA GLN C 249 -36.10 -41.11 -11.58
C GLN C 249 -35.63 -41.01 -10.13
N ASP C 250 -35.62 -42.14 -9.43
CA ASP C 250 -35.09 -42.18 -8.07
C ASP C 250 -33.70 -41.60 -8.05
N PHE C 251 -33.47 -40.67 -7.13
CA PHE C 251 -32.23 -39.91 -7.09
C PHE C 251 -31.02 -40.77 -6.78
N SER C 252 -31.26 -41.93 -6.16
CA SER C 252 -30.20 -42.89 -5.82
C SER C 252 -29.52 -43.46 -7.06
N LYS C 253 -30.15 -43.29 -8.21
CA LYS C 253 -29.62 -43.80 -9.47
C LYS C 253 -28.71 -42.81 -10.20
N VAL C 254 -28.80 -41.52 -9.85
CA VAL C 254 -28.00 -40.49 -10.53
C VAL C 254 -26.52 -40.64 -10.16
N VAL C 255 -26.26 -40.95 -8.88
CA VAL C 255 -24.92 -41.29 -8.39
C VAL C 255 -24.98 -42.47 -7.41
N PRO C 256 -24.91 -43.71 -7.93
CA PRO C 256 -25.08 -44.89 -7.09
C PRO C 256 -24.13 -45.00 -5.87
N PRO C 257 -22.83 -44.65 -6.00
CA PRO C 257 -21.94 -44.83 -4.82
C PRO C 257 -22.26 -43.99 -3.58
N LEU C 258 -23.03 -42.92 -3.76
CA LEU C 258 -23.40 -42.02 -2.64
C LEU C 258 -24.45 -42.59 -1.70
N ASP C 259 -24.21 -42.44 -0.40
CA ASP C 259 -25.19 -42.85 0.60
C ASP C 259 -26.16 -41.71 0.92
N GLU C 260 -26.97 -41.84 1.97
CA GLU C 260 -28.09 -40.94 2.24
C GLU C 260 -27.71 -39.45 2.37
N ASP C 261 -26.66 -39.17 3.15
CA ASP C 261 -26.22 -37.79 3.36
C ASP C 261 -25.71 -37.14 2.06
N GLY C 262 -24.83 -37.83 1.35
CA GLY C 262 -24.37 -37.39 0.03
C GLY C 262 -25.49 -37.07 -0.95
N ARG C 263 -26.46 -37.99 -1.06
CA ARG C 263 -27.61 -37.81 -1.95
C ARG C 263 -28.45 -36.62 -1.56
N SER C 264 -28.59 -36.39 -0.27
CA SER C 264 -29.33 -35.24 0.22
C SER C 264 -28.64 -33.94 -0.21
N LEU C 265 -27.33 -33.85 0.05
CA LEU C 265 -26.56 -32.65 -0.32
C LEU C 265 -26.64 -32.41 -1.84
N LEU C 266 -26.22 -33.40 -2.62
CA LEU C 266 -26.29 -33.30 -4.09
C LEU C 266 -27.65 -32.83 -4.61
N SER C 267 -28.73 -33.37 -4.05
CA SER C 267 -30.08 -33.04 -4.51
C SER C 267 -30.42 -31.59 -4.24
N GLN C 268 -29.94 -31.08 -3.11
CA GLN C 268 -30.14 -29.68 -2.78
C GLN C 268 -29.26 -28.76 -3.66
N MET C 269 -28.06 -29.24 -4.02
CA MET C 269 -27.16 -28.50 -4.93
C MET C 269 -27.68 -28.46 -6.37
N LEU C 270 -28.54 -29.41 -6.72
CA LEU C 270 -29.06 -29.56 -8.08
C LEU C 270 -30.55 -29.27 -8.18
N HIS C 271 -31.05 -28.54 -7.18
CA HIS C 271 -32.42 -28.04 -7.19
C HIS C 271 -32.61 -27.13 -8.36
N TYR C 272 -33.75 -27.29 -9.05
CA TYR C 272 -34.07 -26.49 -10.24
C TYR C 272 -34.27 -25.02 -9.95
N ASP C 273 -35.13 -24.70 -8.98
CA ASP C 273 -35.38 -23.32 -8.55
C ASP C 273 -34.12 -22.75 -7.88
N PRO C 274 -33.49 -21.73 -8.50
CA PRO C 274 -32.24 -21.20 -7.93
C PRO C 274 -32.46 -20.61 -6.53
N ASN C 275 -33.67 -20.14 -6.26
CA ASN C 275 -34.04 -19.67 -4.92
C ASN C 275 -34.01 -20.79 -3.90
N LYS C 276 -34.42 -21.99 -4.32
CA LYS C 276 -34.43 -23.16 -3.44
C LYS C 276 -33.07 -23.87 -3.35
N ARG C 277 -32.25 -23.74 -4.39
CA ARG C 277 -30.92 -24.35 -4.43
C ARG C 277 -30.13 -23.90 -3.18
N ILE C 278 -29.39 -24.83 -2.59
CA ILE C 278 -28.67 -24.56 -1.34
C ILE C 278 -27.53 -23.56 -1.58
N SER C 279 -27.28 -22.67 -0.62
CA SER C 279 -26.17 -21.73 -0.72
C SER C 279 -24.89 -22.44 -0.32
N ALA C 280 -23.73 -21.88 -0.68
CA ALA C 280 -22.46 -22.47 -0.26
C ALA C 280 -22.35 -22.47 1.27
N LYS C 281 -22.76 -21.37 1.90
CA LYS C 281 -22.69 -21.25 3.36
C LYS C 281 -23.52 -22.34 4.03
N ALA C 282 -24.74 -22.54 3.56
CA ALA C 282 -25.62 -23.57 4.10
C ALA C 282 -25.11 -24.98 3.85
N ALA C 283 -24.46 -25.20 2.70
CA ALA C 283 -23.94 -26.54 2.37
C ALA C 283 -22.85 -26.95 3.36
N LEU C 284 -22.06 -26.00 3.83
CA LEU C 284 -21.00 -26.28 4.81
C LEU C 284 -21.56 -26.90 6.10
N ALA C 285 -22.81 -26.58 6.41
CA ALA C 285 -23.48 -27.07 7.61
C ALA C 285 -24.19 -28.41 7.42
N HIS C 286 -24.15 -28.95 6.20
CA HIS C 286 -24.84 -30.21 5.88
C HIS C 286 -24.25 -31.38 6.62
N PRO C 287 -25.12 -32.32 7.10
CA PRO C 287 -24.64 -33.51 7.82
C PRO C 287 -23.55 -34.31 7.11
N PHE C 288 -23.52 -34.25 5.77
CA PHE C 288 -22.50 -34.93 4.97
C PHE C 288 -21.09 -34.62 5.47
N PHE C 289 -20.90 -33.40 5.97
CA PHE C 289 -19.57 -32.94 6.35
C PHE C 289 -19.21 -33.17 7.81
N GLN C 290 -20.13 -33.74 8.57
CA GLN C 290 -19.93 -33.88 10.02
C GLN C 290 -18.59 -34.54 10.38
N ASP C 291 -18.20 -35.55 9.62
CA ASP C 291 -16.96 -36.28 9.83
C ASP C 291 -15.84 -35.97 8.80
N VAL C 292 -15.86 -34.78 8.21
CA VAL C 292 -14.86 -34.41 7.18
C VAL C 292 -13.43 -34.36 7.73
N THR C 293 -12.49 -34.91 6.95
CA THR C 293 -11.07 -34.86 7.29
C THR C 293 -10.28 -34.23 6.14
N LYS C 294 -8.95 -34.21 6.27
CA LYS C 294 -8.08 -33.74 5.19
C LYS C 294 -7.12 -34.84 4.72
N PRO C 295 -7.62 -35.80 3.91
CA PRO C 295 -6.71 -36.84 3.40
C PRO C 295 -5.73 -36.31 2.36
N VAL C 296 -4.61 -37.00 2.21
CA VAL C 296 -3.63 -36.70 1.17
C VAL C 296 -4.00 -37.55 -0.05
N PRO C 297 -4.02 -36.93 -1.26
CA PRO C 297 -4.25 -37.67 -2.51
C PRO C 297 -3.08 -38.58 -2.83
N HIS C 298 -3.34 -39.69 -3.52
CA HIS C 298 -2.30 -40.68 -3.79
C HIS C 298 -1.31 -40.30 -4.85
N LEU C 299 -1.79 -39.92 -6.03
CA LEU C 299 -0.92 -39.46 -7.14
C LEU C 299 -0.01 -40.56 -7.69
N VAL D 1 -29.15 -14.97 -3.13
CA VAL D 1 -29.79 -15.23 -1.80
C VAL D 1 -29.46 -14.13 -0.77
N PRO D 2 -30.44 -13.80 0.11
CA PRO D 2 -30.18 -12.94 1.27
C PRO D 2 -29.25 -13.57 2.32
N ASP D 3 -28.76 -14.78 2.02
CA ASP D 3 -27.72 -15.45 2.82
C ASP D 3 -26.40 -14.67 2.86
N TYR D 4 -26.17 -13.85 1.82
CA TYR D 4 -24.95 -13.05 1.68
C TYR D 4 -25.15 -11.54 1.80
N HIS D 5 -26.40 -11.07 1.73
CA HIS D 5 -26.70 -9.64 1.73
C HIS D 5 -26.02 -8.89 2.84
N GLU D 6 -26.05 -9.44 4.05
CA GLU D 6 -25.41 -8.80 5.21
C GLU D 6 -23.88 -8.85 5.14
N ASP D 7 -23.33 -10.01 4.74
CA ASP D 7 -21.89 -10.14 4.53
C ASP D 7 -21.41 -9.13 3.48
N ILE D 8 -22.11 -9.07 2.36
CA ILE D 8 -21.77 -8.18 1.25
C ILE D 8 -21.79 -6.73 1.72
N HIS D 9 -22.85 -6.35 2.42
CA HIS D 9 -22.97 -4.98 2.94
C HIS D 9 -21.81 -4.61 3.84
N THR D 10 -21.52 -5.48 4.81
CA THR D 10 -20.39 -5.31 5.71
C THR D 10 -19.06 -5.13 4.96
N TYR D 11 -18.83 -5.97 3.94
CA TYR D 11 -17.59 -5.91 3.18
C TYR D 11 -17.47 -4.61 2.34
N LEU D 12 -18.56 -4.21 1.69
CA LEU D 12 -18.59 -2.95 0.95
C LEU D 12 -18.30 -1.75 1.86
N ARG D 13 -18.81 -1.81 3.09
CA ARG D 13 -18.51 -0.77 4.09
C ARG D 13 -17.02 -0.71 4.40
N GLU D 14 -16.38 -1.86 4.54
CA GLU D 14 -14.92 -1.93 4.69
C GLU D 14 -14.23 -1.32 3.47
N MET D 15 -14.69 -1.72 2.29
CA MET D 15 -13.99 -1.39 1.04
C MET D 15 -14.12 0.07 0.64
N GLU D 16 -15.27 0.68 0.93
CA GLU D 16 -15.49 2.07 0.53
C GLU D 16 -14.51 3.02 1.24
N VAL D 17 -14.06 2.63 2.43
CA VAL D 17 -13.05 3.38 3.18
C VAL D 17 -11.70 3.29 2.49
N LYS D 18 -11.35 2.06 2.08
CA LYS D 18 -10.10 1.80 1.39
C LYS D 18 -10.05 2.42 -0.01
N CYS D 19 -11.21 2.51 -0.67
CA CYS D 19 -11.29 3.03 -2.05
C CYS D 19 -11.54 4.55 -2.12
N LYS D 20 -11.64 5.19 -0.97
CA LYS D 20 -11.94 6.62 -0.88
C LYS D 20 -10.80 7.48 -1.42
N PRO D 21 -11.11 8.46 -2.29
CA PRO D 21 -10.09 9.39 -2.79
C PRO D 21 -9.64 10.35 -1.68
N LYS D 22 -8.59 11.11 -1.94
CA LYS D 22 -8.01 12.04 -0.98
C LYS D 22 -8.87 13.30 -0.94
N VAL D 23 -9.52 13.57 0.20
CA VAL D 23 -10.57 14.62 0.28
C VAL D 23 -10.23 15.98 -0.31
N GLY D 24 -9.04 16.49 -0.06
CA GLY D 24 -8.69 17.79 -0.60
C GLY D 24 -7.62 17.78 -1.68
N TYR D 25 -7.71 16.81 -2.61
CA TYR D 25 -6.64 16.67 -3.58
C TYR D 25 -6.54 17.84 -4.58
N MET D 26 -7.67 18.48 -4.87
CA MET D 26 -7.72 19.59 -5.83
C MET D 26 -6.83 20.80 -5.48
N LYS D 27 -6.70 21.01 -4.16
CA LYS D 27 -5.81 22.04 -3.61
C LYS D 27 -4.35 21.73 -3.91
N LYS D 28 -4.03 20.45 -4.14
CA LYS D 28 -2.68 20.06 -4.52
C LYS D 28 -2.51 19.92 -6.03
N GLN D 29 -3.61 20.11 -6.77
CA GLN D 29 -3.57 20.15 -8.23
C GLN D 29 -3.40 21.60 -8.73
N PRO D 30 -2.18 21.93 -9.21
CA PRO D 30 -1.78 23.26 -9.65
C PRO D 30 -2.55 23.79 -10.86
N ASP D 31 -2.99 22.91 -11.75
CA ASP D 31 -3.56 23.37 -13.04
C ASP D 31 -5.03 23.03 -13.18
N ILE D 32 -5.59 22.27 -12.25
CA ILE D 32 -7.02 21.95 -12.31
C ILE D 32 -7.81 22.34 -11.05
N THR D 33 -9.12 22.48 -11.25
CA THR D 33 -10.03 22.95 -10.20
C THR D 33 -11.29 22.10 -10.15
N ASN D 34 -12.04 22.24 -9.05
CA ASN D 34 -13.34 21.59 -8.90
C ASN D 34 -14.29 21.92 -10.04
N SER D 35 -14.21 23.16 -10.54
CA SER D 35 -15.07 23.57 -11.65
C SER D 35 -14.72 22.79 -12.91
N MET D 36 -13.43 22.50 -13.12
CA MET D 36 -13.02 21.72 -14.29
C MET D 36 -13.48 20.27 -14.14
N ARG D 37 -13.35 19.74 -12.93
CA ARG D 37 -13.81 18.39 -12.62
C ARG D 37 -15.31 18.27 -12.88
N ALA D 38 -16.07 19.32 -12.57
CA ALA D 38 -17.51 19.31 -12.80
C ALA D 38 -17.87 19.23 -14.29
N ILE D 39 -17.15 19.99 -15.11
CA ILE D 39 -17.30 19.91 -16.56
C ILE D 39 -17.01 18.48 -17.05
N LEU D 40 -15.94 17.88 -16.51
CA LEU D 40 -15.56 16.52 -16.91
C LEU D 40 -16.65 15.53 -16.56
N VAL D 41 -17.10 15.56 -15.30
CA VAL D 41 -18.10 14.61 -14.83
C VAL D 41 -19.40 14.78 -15.62
N ASP D 42 -19.75 16.03 -15.95
CA ASP D 42 -20.97 16.31 -16.68
C ASP D 42 -20.87 15.75 -18.09
N TRP D 43 -19.67 15.85 -18.68
CA TRP D 43 -19.41 15.25 -20.00
C TRP D 43 -19.51 13.74 -19.99
N LEU D 44 -19.06 13.10 -18.91
CA LEU D 44 -19.15 11.64 -18.77
C LEU D 44 -20.60 11.16 -18.65
N VAL D 45 -21.45 12.01 -18.06
CA VAL D 45 -22.88 11.76 -18.02
C VAL D 45 -23.46 11.69 -19.44
N GLU D 46 -23.07 12.63 -20.31
CA GLU D 46 -23.45 12.65 -21.73
C GLU D 46 -22.95 11.40 -22.47
N VAL D 47 -21.69 11.04 -22.25
CA VAL D 47 -21.11 9.82 -22.84
C VAL D 47 -21.94 8.59 -22.45
N GLY D 48 -22.22 8.45 -21.14
CA GLY D 48 -23.05 7.35 -20.63
C GLY D 48 -24.44 7.31 -21.26
N GLU D 49 -25.01 8.48 -21.55
CA GLU D 49 -26.32 8.56 -22.22
C GLU D 49 -26.23 8.17 -23.68
N GLU D 50 -25.24 8.75 -24.38
CA GLU D 50 -24.98 8.48 -25.79
C GLU D 50 -24.73 6.99 -26.07
N TYR D 51 -24.03 6.30 -25.17
CA TYR D 51 -23.74 4.90 -25.38
C TYR D 51 -24.59 3.94 -24.54
N LYS D 52 -25.62 4.48 -23.90
CA LYS D 52 -26.58 3.69 -23.14
C LYS D 52 -25.86 2.80 -22.13
N LEU D 53 -24.95 3.42 -21.38
CA LEU D 53 -24.16 2.74 -20.36
C LEU D 53 -24.92 2.73 -19.02
N GLN D 54 -24.59 1.76 -18.18
CA GLN D 54 -25.16 1.67 -16.83
C GLN D 54 -24.74 2.88 -15.99
N ASN D 55 -25.62 3.29 -15.07
CA ASN D 55 -25.25 4.30 -14.08
C ASN D 55 -24.03 3.87 -13.25
N GLU D 56 -23.94 2.58 -12.91
CA GLU D 56 -22.79 2.05 -12.16
C GLU D 56 -21.45 2.36 -12.85
N THR D 57 -21.44 2.23 -14.17
CA THR D 57 -20.25 2.55 -14.98
C THR D 57 -19.80 4.00 -14.78
N LEU D 58 -20.76 4.92 -14.88
CA LEU D 58 -20.49 6.33 -14.61
C LEU D 58 -19.92 6.54 -13.20
N HIS D 59 -20.56 5.94 -12.20
CA HIS D 59 -20.06 6.03 -10.80
C HIS D 59 -18.66 5.52 -10.65
N LEU D 60 -18.37 4.36 -11.27
CA LEU D 60 -17.02 3.77 -11.19
C LEU D 60 -15.98 4.67 -11.82
N ALA D 61 -16.27 5.18 -13.00
CA ALA D 61 -15.37 6.09 -13.71
C ALA D 61 -14.95 7.27 -12.83
N VAL D 62 -15.93 7.90 -12.17
CA VAL D 62 -15.65 9.04 -11.29
C VAL D 62 -14.75 8.65 -10.11
N ASN D 63 -15.01 7.48 -9.50
CA ASN D 63 -14.12 6.98 -8.43
C ASN D 63 -12.69 6.82 -8.93
N TYR D 64 -12.55 6.30 -10.17
CA TYR D 64 -11.23 6.06 -10.75
C TYR D 64 -10.51 7.39 -11.00
N ILE D 65 -11.23 8.36 -11.54
CA ILE D 65 -10.65 9.69 -11.83
C ILE D 65 -10.22 10.36 -10.51
N ASP D 66 -11.10 10.33 -9.50
CA ASP D 66 -10.77 10.97 -8.21
C ASP D 66 -9.55 10.31 -7.53
N ARG D 67 -9.48 8.99 -7.58
CA ARG D 67 -8.32 8.31 -7.03
C ARG D 67 -7.06 8.59 -7.86
N PHE D 68 -7.20 8.66 -9.20
CA PHE D 68 -6.04 8.95 -10.06
C PHE D 68 -5.46 10.33 -9.75
N LEU D 69 -6.37 11.31 -9.72
CA LEU D 69 -6.01 12.71 -9.40
C LEU D 69 -5.52 12.90 -7.95
N SER D 70 -5.82 11.94 -7.07
CA SER D 70 -5.27 11.94 -5.72
C SER D 70 -3.76 11.66 -5.68
N SER D 71 -3.21 11.05 -6.74
CA SER D 71 -1.79 10.64 -6.81
C SER D 71 -1.01 11.35 -7.90
N MET D 72 -1.69 11.76 -8.96
CA MET D 72 -1.00 12.27 -10.17
C MET D 72 -1.44 13.67 -10.50
N SER D 73 -0.47 14.58 -10.64
CA SER D 73 -0.75 15.92 -11.15
C SER D 73 -1.07 15.84 -12.64
N VAL D 74 -2.13 16.51 -13.04
CA VAL D 74 -2.56 16.46 -14.43
C VAL D 74 -2.80 17.88 -14.94
N LEU D 75 -2.24 18.18 -16.10
CA LEU D 75 -2.52 19.44 -16.76
C LEU D 75 -3.92 19.51 -17.34
N ARG D 76 -4.43 20.73 -17.46
CA ARG D 76 -5.73 21.05 -18.05
C ARG D 76 -6.05 20.28 -19.33
N GLY D 77 -5.14 20.35 -20.29
CA GLY D 77 -5.34 19.77 -21.62
C GLY D 77 -5.36 18.26 -21.63
N LYS D 78 -5.04 17.64 -20.50
CA LYS D 78 -4.99 16.18 -20.38
C LYS D 78 -6.08 15.59 -19.49
N LEU D 79 -6.84 16.45 -18.81
CA LEU D 79 -7.89 15.98 -17.90
C LEU D 79 -8.93 15.10 -18.58
N GLN D 80 -9.34 15.50 -19.79
CA GLN D 80 -10.31 14.72 -20.56
C GLN D 80 -9.75 13.36 -20.98
N LEU D 81 -8.45 13.29 -21.23
CA LEU D 81 -7.79 12.01 -21.54
C LEU D 81 -7.89 11.03 -20.36
N VAL D 82 -7.59 11.54 -19.16
CA VAL D 82 -7.78 10.77 -17.92
C VAL D 82 -9.22 10.27 -17.81
N GLY D 83 -10.18 11.16 -17.97
CA GLY D 83 -11.59 10.83 -17.91
C GLY D 83 -12.03 9.81 -18.95
N THR D 84 -11.52 9.94 -20.16
CA THR D 84 -11.87 9.01 -21.25
C THR D 84 -11.38 7.59 -20.92
N ALA D 85 -10.11 7.50 -20.53
CA ALA D 85 -9.53 6.23 -20.10
C ALA D 85 -10.30 5.63 -18.92
N ALA D 86 -10.72 6.48 -17.99
CA ALA D 86 -11.42 5.97 -16.80
C ALA D 86 -12.77 5.38 -17.19
N MET D 87 -13.43 6.01 -18.15
CA MET D 87 -14.72 5.55 -18.62
C MET D 87 -14.56 4.24 -19.40
N LEU D 88 -13.47 4.12 -20.14
CA LEU D 88 -13.15 2.89 -20.88
C LEU D 88 -12.92 1.74 -19.90
N LEU D 89 -12.13 1.99 -18.85
CA LEU D 89 -11.86 0.97 -17.84
C LEU D 89 -13.14 0.57 -17.11
N ALA D 90 -13.95 1.57 -16.74
CA ALA D 90 -15.20 1.27 -16.03
C ALA D 90 -16.13 0.44 -16.92
N SER D 91 -16.18 0.77 -18.21
CA SER D 91 -17.00 0.00 -19.15
C SER D 91 -16.54 -1.45 -19.23
N LYS D 92 -15.24 -1.67 -19.37
CA LYS D 92 -14.66 -3.02 -19.40
C LYS D 92 -14.95 -3.80 -18.14
N PHE D 93 -14.88 -3.13 -16.99
CA PHE D 93 -15.15 -3.81 -15.74
C PHE D 93 -16.63 -4.19 -15.64
N GLU D 94 -17.49 -3.24 -15.99
CA GLU D 94 -18.89 -3.31 -15.60
C GLU D 94 -19.88 -3.74 -16.70
N GLU D 95 -19.62 -3.38 -17.95
CA GLU D 95 -20.61 -3.53 -19.03
C GLU D 95 -20.55 -4.91 -19.66
N ILE D 96 -21.71 -5.41 -20.09
CA ILE D 96 -21.76 -6.62 -20.91
C ILE D 96 -21.07 -6.35 -22.26
N TYR D 97 -21.51 -5.27 -22.91
CA TYR D 97 -20.97 -4.83 -24.20
C TYR D 97 -20.37 -3.43 -24.07
N PRO D 98 -19.09 -3.34 -23.66
CA PRO D 98 -18.49 -2.00 -23.59
C PRO D 98 -18.29 -1.44 -25.01
N PRO D 99 -18.38 -0.11 -25.15
CA PRO D 99 -18.06 0.46 -26.46
C PRO D 99 -16.62 0.13 -26.84
N GLU D 100 -16.33 0.01 -28.13
CA GLU D 100 -14.94 -0.18 -28.57
C GLU D 100 -14.10 1.06 -28.29
N VAL D 101 -12.80 0.89 -28.22
CA VAL D 101 -11.88 1.99 -27.93
C VAL D 101 -12.03 3.16 -28.90
N ALA D 102 -12.23 2.86 -30.18
CA ALA D 102 -12.38 3.89 -31.23
C ALA D 102 -13.57 4.81 -30.95
N GLU D 103 -14.64 4.25 -30.36
CA GLU D 103 -15.77 5.05 -29.95
C GLU D 103 -15.42 6.04 -28.84
N PHE D 104 -14.56 5.63 -27.91
CA PHE D 104 -14.04 6.54 -26.89
C PHE D 104 -13.13 7.62 -27.50
N VAL D 105 -12.42 7.29 -28.58
CA VAL D 105 -11.63 8.29 -29.31
C VAL D 105 -12.57 9.31 -29.98
N TYR D 106 -13.66 8.83 -30.57
CA TYR D 106 -14.62 9.69 -31.30
C TYR D 106 -15.31 10.73 -30.41
N ILE D 107 -15.82 10.30 -29.25
CA ILE D 107 -16.46 11.18 -28.26
C ILE D 107 -15.57 12.32 -27.77
N THR D 108 -14.27 12.20 -27.99
CA THR D 108 -13.33 13.28 -27.68
C THR D 108 -13.14 14.25 -28.85
N ASP D 109 -13.88 14.01 -29.94
CA ASP D 109 -13.78 14.81 -31.19
C ASP D 109 -12.36 14.91 -31.76
N ASP D 110 -11.62 13.80 -31.65
CA ASP D 110 -10.22 13.69 -32.12
C ASP D 110 -9.25 14.66 -31.43
N THR D 111 -9.52 14.99 -30.17
CA THR D 111 -8.55 15.71 -29.35
C THR D 111 -7.36 14.80 -29.07
N TYR D 112 -7.65 13.53 -28.83
CA TYR D 112 -6.61 12.59 -28.50
C TYR D 112 -6.56 11.45 -29.50
N THR D 113 -5.38 10.87 -29.66
CA THR D 113 -5.23 9.71 -30.53
C THR D 113 -5.65 8.45 -29.80
N LYS D 114 -5.93 7.40 -30.58
CA LYS D 114 -6.24 6.09 -30.06
C LYS D 114 -5.11 5.57 -29.16
N LYS D 115 -3.87 5.79 -29.60
CA LYS D 115 -2.69 5.35 -28.87
C LYS D 115 -2.63 6.03 -27.50
N GLN D 116 -2.88 7.34 -27.47
CA GLN D 116 -2.95 8.09 -26.21
C GLN D 116 -3.98 7.53 -25.24
N VAL D 117 -5.17 7.22 -25.73
CA VAL D 117 -6.24 6.62 -24.90
C VAL D 117 -5.76 5.30 -24.29
N LEU D 118 -5.16 4.43 -25.10
CA LEU D 118 -4.71 3.13 -24.62
C LEU D 118 -3.55 3.25 -23.65
N ARG D 119 -2.62 4.16 -23.92
CA ARG D 119 -1.49 4.37 -23.01
C ARG D 119 -1.98 4.93 -21.67
N MET D 120 -2.94 5.86 -21.72
CA MET D 120 -3.53 6.39 -20.50
C MET D 120 -4.28 5.30 -19.76
N GLU D 121 -4.98 4.44 -20.51
CA GLU D 121 -5.67 3.30 -19.89
C GLU D 121 -4.72 2.49 -19.01
N HIS D 122 -3.52 2.20 -19.52
CA HIS D 122 -2.53 1.40 -18.77
C HIS D 122 -1.94 2.18 -17.61
N LEU D 123 -1.66 3.46 -17.84
CA LEU D 123 -1.17 4.31 -16.75
C LEU D 123 -2.18 4.33 -15.57
N VAL D 124 -3.46 4.46 -15.88
CA VAL D 124 -4.51 4.50 -14.85
C VAL D 124 -4.55 3.20 -14.05
N LEU D 125 -4.52 2.07 -14.77
CA LEU D 125 -4.42 0.76 -14.11
C LEU D 125 -3.22 0.65 -13.17
N LYS D 126 -2.05 1.10 -13.64
CA LYS D 126 -0.84 1.10 -12.81
C LYS D 126 -1.02 1.98 -11.56
N VAL D 127 -1.53 3.19 -11.74
CA VAL D 127 -1.73 4.12 -10.62
C VAL D 127 -2.75 3.56 -9.62
N LEU D 128 -3.85 3.01 -10.12
CA LEU D 128 -4.84 2.35 -9.23
C LEU D 128 -4.45 0.93 -8.77
N THR D 129 -3.23 0.50 -9.12
CA THR D 129 -2.76 -0.89 -8.98
C THR D 129 -3.86 -1.94 -9.26
N PHE D 130 -4.58 -1.73 -10.37
CA PHE D 130 -5.60 -2.67 -10.83
C PHE D 130 -6.77 -2.87 -9.87
N ASP D 131 -6.93 -1.97 -8.89
CA ASP D 131 -7.94 -2.15 -7.85
C ASP D 131 -9.22 -1.43 -8.26
N LEU D 132 -10.04 -2.13 -9.04
CA LEU D 132 -11.10 -1.46 -9.77
C LEU D 132 -12.49 -1.76 -9.25
N ALA D 133 -12.61 -2.72 -8.34
CA ALA D 133 -13.94 -3.06 -7.80
C ALA D 133 -14.31 -2.18 -6.60
N ALA D 134 -14.54 -0.89 -6.86
CA ALA D 134 -14.85 0.07 -5.81
C ALA D 134 -16.34 0.13 -5.56
N PRO D 135 -16.75 0.23 -4.27
CA PRO D 135 -18.15 0.47 -3.98
C PRO D 135 -18.55 1.88 -4.43
N THR D 136 -19.80 2.03 -4.82
CA THR D 136 -20.31 3.27 -5.34
C THR D 136 -21.58 3.61 -4.59
N VAL D 137 -22.02 4.85 -4.74
CA VAL D 137 -23.34 5.32 -4.29
C VAL D 137 -24.42 4.39 -4.84
N ASN D 138 -24.29 4.06 -6.12
CA ASN D 138 -25.25 3.19 -6.80
C ASN D 138 -25.39 1.82 -6.13
N GLN D 139 -24.28 1.21 -5.76
CA GLN D 139 -24.30 -0.11 -5.10
C GLN D 139 -25.01 -0.08 -3.73
N PHE D 140 -24.79 0.99 -2.98
CA PHE D 140 -25.49 1.17 -1.71
C PHE D 140 -26.98 1.45 -1.90
N LEU D 141 -27.32 2.35 -2.81
CA LEU D 141 -28.71 2.60 -3.18
C LEU D 141 -29.53 1.36 -3.55
N THR D 142 -29.01 0.51 -4.44
CA THR D 142 -29.76 -0.68 -4.87
C THR D 142 -30.06 -1.62 -3.67
N GLN D 143 -29.16 -1.65 -2.69
CA GLN D 143 -29.40 -2.36 -1.44
C GLN D 143 -30.45 -1.65 -0.57
N TYR D 144 -30.43 -0.32 -0.58
CA TYR D 144 -31.35 0.46 0.24
C TYR D 144 -32.79 0.36 -0.29
N PHE D 145 -32.92 0.18 -1.61
CA PHE D 145 -34.22 0.06 -2.27
C PHE D 145 -35.00 -1.20 -1.87
N LEU D 146 -34.29 -2.24 -1.44
CA LEU D 146 -34.93 -3.50 -1.05
C LEU D 146 -35.75 -3.34 0.23
N HIS D 147 -35.51 -2.24 0.93
CA HIS D 147 -36.17 -1.93 2.18
C HIS D 147 -37.48 -1.18 2.02
N GLN D 148 -37.88 -0.94 0.78
CA GLN D 148 -39.19 -0.35 0.45
C GLN D 148 -40.27 -1.42 0.36
N GLN D 149 -41.43 -1.13 0.95
CA GLN D 149 -42.58 -2.02 0.86
C GLN D 149 -43.87 -1.24 0.51
N PRO D 150 -44.34 -1.34 -0.74
CA PRO D 150 -43.69 -2.04 -1.84
C PRO D 150 -42.65 -1.13 -2.52
N ALA D 151 -42.18 -1.56 -3.68
CA ALA D 151 -41.25 -0.76 -4.49
C ALA D 151 -41.92 0.51 -5.01
N ASN D 152 -41.21 1.64 -4.89
CA ASN D 152 -41.65 2.89 -5.48
C ASN D 152 -40.64 3.40 -6.49
N CYS D 153 -41.03 3.34 -7.77
CA CYS D 153 -40.14 3.65 -8.88
C CYS D 153 -39.71 5.11 -8.98
N LYS D 154 -40.60 6.03 -8.59
CA LYS D 154 -40.26 7.45 -8.57
C LYS D 154 -39.21 7.71 -7.50
N VAL D 155 -39.35 7.03 -6.37
CA VAL D 155 -38.39 7.18 -5.26
C VAL D 155 -36.99 6.69 -5.68
N GLU D 156 -36.95 5.57 -6.41
CA GLU D 156 -35.69 4.98 -6.86
C GLU D 156 -34.98 5.89 -7.86
N SER D 157 -35.70 6.31 -8.90
CA SER D 157 -35.15 7.19 -9.93
C SER D 157 -34.68 8.54 -9.36
N LEU D 158 -35.45 9.12 -8.45
CA LEU D 158 -35.04 10.36 -7.80
C LEU D 158 -33.83 10.17 -6.88
N ALA D 159 -33.78 9.03 -6.17
CA ALA D 159 -32.62 8.69 -5.33
C ALA D 159 -31.35 8.58 -6.18
N MET D 160 -31.46 7.94 -7.34
CA MET D 160 -30.39 7.85 -8.34
C MET D 160 -30.00 9.24 -8.89
N PHE D 161 -31.00 10.07 -9.18
CA PHE D 161 -30.78 11.45 -9.66
C PHE D 161 -29.93 12.27 -8.71
N LEU D 162 -30.30 12.22 -7.42
CA LEU D 162 -29.59 12.95 -6.36
C LEU D 162 -28.18 12.42 -6.12
N GLY D 163 -28.06 11.09 -6.10
CA GLY D 163 -26.75 10.42 -5.96
C GLY D 163 -25.80 10.81 -7.07
N GLU D 164 -26.34 10.92 -8.29
CA GLU D 164 -25.59 11.34 -9.46
C GLU D 164 -25.18 12.82 -9.40
N LEU D 165 -26.07 13.69 -8.93
CA LEU D 165 -25.72 15.10 -8.76
C LEU D 165 -24.51 15.26 -7.83
N SER D 166 -24.40 14.36 -6.84
CA SER D 166 -23.30 14.41 -5.87
C SER D 166 -21.94 14.25 -6.55
N LEU D 167 -21.92 13.51 -7.65
CA LEU D 167 -20.68 13.25 -8.44
C LEU D 167 -20.08 14.51 -9.06
N ILE D 168 -20.92 15.48 -9.36
CA ILE D 168 -20.50 16.69 -10.07
C ILE D 168 -19.61 17.57 -9.21
N ASP D 169 -19.94 17.64 -7.91
CA ASP D 169 -19.32 18.63 -7.01
C ASP D 169 -18.38 18.01 -5.97
N ALA D 170 -17.08 18.06 -6.23
CA ALA D 170 -16.07 17.51 -5.31
C ALA D 170 -16.13 18.19 -3.92
N ASP D 171 -16.30 19.51 -3.94
CA ASP D 171 -16.68 20.26 -2.75
C ASP D 171 -18.21 20.44 -2.80
N PRO D 172 -18.95 19.84 -1.85
CA PRO D 172 -18.50 19.14 -0.64
C PRO D 172 -18.39 17.61 -0.70
N TYR D 173 -18.84 16.99 -1.78
CA TYR D 173 -19.16 15.55 -1.73
C TYR D 173 -18.02 14.55 -1.54
N LEU D 174 -16.81 14.91 -1.95
CA LEU D 174 -15.64 14.06 -1.71
C LEU D 174 -15.41 13.70 -0.24
N LYS D 175 -15.83 14.57 0.68
CA LYS D 175 -15.65 14.28 2.10
C LYS D 175 -16.62 13.23 2.65
N TYR D 176 -17.69 12.94 1.91
CA TYR D 176 -18.68 11.94 2.33
C TYR D 176 -18.44 10.57 1.70
N LEU D 177 -18.62 9.51 2.49
CA LEU D 177 -18.57 8.14 1.99
C LEU D 177 -19.79 7.82 1.11
N PRO D 178 -19.62 6.90 0.13
CA PRO D 178 -20.74 6.50 -0.73
C PRO D 178 -21.96 6.00 0.01
N SER D 179 -21.75 5.23 1.09
CA SER D 179 -22.87 4.72 1.90
C SER D 179 -23.68 5.85 2.53
N VAL D 180 -22.97 6.91 2.93
CA VAL D 180 -23.56 8.12 3.51
C VAL D 180 -24.32 8.96 2.47
N ILE D 181 -23.70 9.22 1.31
CA ILE D 181 -24.38 9.94 0.21
C ILE D 181 -25.64 9.21 -0.22
N ALA D 182 -25.54 7.88 -0.34
CA ALA D 182 -26.67 7.04 -0.70
C ALA D 182 -27.80 7.09 0.34
N GLY D 183 -27.42 7.15 1.62
CA GLY D 183 -28.41 7.25 2.69
C GLY D 183 -29.15 8.58 2.60
N ALA D 184 -28.39 9.65 2.44
CA ALA D 184 -28.93 10.99 2.29
C ALA D 184 -29.82 11.14 1.07
N ALA D 185 -29.41 10.56 -0.06
CA ALA D 185 -30.18 10.60 -1.31
C ALA D 185 -31.47 9.80 -1.21
N PHE D 186 -31.41 8.62 -0.60
CA PHE D 186 -32.58 7.77 -0.46
C PHE D 186 -33.63 8.41 0.43
N HIS D 187 -33.20 9.01 1.55
CA HIS D 187 -34.13 9.71 2.45
C HIS D 187 -34.71 10.93 1.80
N LEU D 188 -33.85 11.71 1.13
CA LEU D 188 -34.31 12.92 0.45
C LEU D 188 -35.31 12.60 -0.66
N ALA D 189 -35.07 11.52 -1.41
CA ALA D 189 -36.00 11.09 -2.45
C ALA D 189 -37.28 10.52 -1.85
N LEU D 190 -37.15 9.75 -0.78
CA LEU D 190 -38.29 9.12 -0.15
C LEU D 190 -39.21 10.17 0.48
N TYR D 191 -38.60 11.19 1.07
CA TYR D 191 -39.35 12.32 1.63
C TYR D 191 -39.98 13.22 0.57
N THR D 192 -39.25 13.48 -0.51
CA THR D 192 -39.78 14.29 -1.63
C THR D 192 -41.03 13.66 -2.28
N VAL D 193 -41.00 12.34 -2.48
CA VAL D 193 -42.07 11.67 -3.22
C VAL D 193 -43.23 11.22 -2.34
N THR D 194 -42.91 10.63 -1.19
CA THR D 194 -43.93 9.98 -0.35
C THR D 194 -44.12 10.64 1.03
N GLY D 195 -43.17 11.48 1.45
CA GLY D 195 -43.23 12.12 2.76
C GLY D 195 -42.65 11.28 3.88
N GLN D 196 -42.29 10.04 3.55
CA GLN D 196 -41.69 9.10 4.51
C GLN D 196 -40.21 9.38 4.81
N SER D 197 -39.68 8.72 5.83
CA SER D 197 -38.30 8.93 6.27
C SER D 197 -37.44 7.66 6.27
N TRP D 198 -36.12 7.88 6.33
CA TRP D 198 -35.12 6.83 6.57
C TRP D 198 -35.76 5.80 7.47
N PRO D 199 -35.86 4.53 6.99
CA PRO D 199 -36.57 3.44 7.67
C PRO D 199 -35.74 2.83 8.79
N GLU D 200 -36.40 2.51 9.90
CA GLU D 200 -35.80 1.81 11.05
C GLU D 200 -34.86 0.67 10.62
N SER D 201 -35.35 -0.18 9.72
CA SER D 201 -34.58 -1.33 9.23
C SER D 201 -33.22 -0.93 8.62
N LEU D 202 -33.15 0.26 8.04
CA LEU D 202 -31.89 0.75 7.49
C LEU D 202 -30.96 1.31 8.56
N ILE D 203 -31.56 1.83 9.65
CA ILE D 203 -30.81 2.23 10.82
C ILE D 203 -30.13 0.99 11.39
N ARG D 204 -30.87 -0.11 11.45
CA ARG D 204 -30.34 -1.36 11.97
C ARG D 204 -29.31 -2.00 11.03
N LYS D 205 -29.53 -1.86 9.72
CA LYS D 205 -28.57 -2.33 8.71
C LYS D 205 -27.29 -1.51 8.69
N THR D 206 -27.43 -0.18 8.69
CA THR D 206 -26.31 0.72 8.44
C THR D 206 -25.63 1.29 9.68
N GLY D 207 -26.39 1.43 10.77
CA GLY D 207 -25.91 2.13 11.96
C GLY D 207 -26.04 3.64 11.81
N TYR D 208 -26.48 4.08 10.62
CA TYR D 208 -26.73 5.49 10.34
C TYR D 208 -28.13 5.87 10.79
N THR D 209 -28.24 7.02 11.46
CA THR D 209 -29.53 7.61 11.79
C THR D 209 -29.65 8.92 11.03
N LEU D 210 -30.85 9.48 11.00
CA LEU D 210 -31.08 10.76 10.33
C LEU D 210 -30.16 11.87 10.87
N GLU D 211 -29.70 11.71 12.11
CA GLU D 211 -28.74 12.62 12.71
C GLU D 211 -27.33 12.38 12.16
N SER D 212 -26.98 11.11 11.95
CA SER D 212 -25.71 10.74 11.33
C SER D 212 -25.62 11.28 9.91
N LEU D 213 -26.74 11.20 9.20
CA LEU D 213 -26.85 11.65 7.81
C LEU D 213 -27.03 13.15 7.68
N LYS D 214 -27.31 13.82 8.79
CA LYS D 214 -27.68 15.23 8.74
C LYS D 214 -26.73 16.11 7.91
N PRO D 215 -25.42 16.10 8.21
CA PRO D 215 -24.55 17.03 7.47
C PRO D 215 -24.56 16.83 5.95
N CYS D 216 -24.57 15.57 5.51
CA CYS D 216 -24.63 15.30 4.08
C CYS D 216 -25.99 15.66 3.49
N LEU D 217 -27.05 15.39 4.26
CA LEU D 217 -28.41 15.67 3.83
C LEU D 217 -28.64 17.18 3.68
N MET D 218 -28.01 17.98 4.53
CA MET D 218 -28.07 19.45 4.42
C MET D 218 -27.44 19.93 3.12
N ASP D 219 -26.26 19.38 2.80
CA ASP D 219 -25.59 19.71 1.54
C ASP D 219 -26.45 19.28 0.34
N LEU D 220 -26.90 18.02 0.38
CA LEU D 220 -27.63 17.42 -0.73
C LEU D 220 -28.96 18.13 -1.01
N HIS D 221 -29.66 18.51 0.05
CA HIS D 221 -30.84 19.36 -0.05
C HIS D 221 -30.53 20.63 -0.80
N GLN D 222 -29.44 21.29 -0.42
CA GLN D 222 -29.04 22.56 -1.04
C GLN D 222 -28.67 22.40 -2.51
N THR D 223 -28.02 21.28 -2.82
CA THR D 223 -27.67 20.92 -4.18
C THR D 223 -28.94 20.73 -5.03
N TYR D 224 -29.92 20.01 -4.48
CA TYR D 224 -31.19 19.76 -5.14
C TYR D 224 -31.95 21.07 -5.45
N LEU D 225 -32.03 21.96 -4.47
CA LEU D 225 -32.71 23.26 -4.64
C LEU D 225 -32.08 24.12 -5.72
N LYS D 226 -30.76 24.07 -5.81
CA LYS D 226 -30.01 24.94 -6.73
C LYS D 226 -29.71 24.28 -8.08
N ALA D 227 -30.18 23.03 -8.23
CA ALA D 227 -29.86 22.23 -9.42
C ALA D 227 -30.15 22.92 -10.76
N PRO D 228 -31.32 23.57 -10.92
CA PRO D 228 -31.54 24.25 -12.21
C PRO D 228 -30.64 25.46 -12.46
N GLN D 229 -29.94 25.94 -11.44
CA GLN D 229 -29.01 27.07 -11.60
C GLN D 229 -27.56 26.63 -11.89
N HIS D 230 -27.22 25.39 -11.54
CA HIS D 230 -25.86 24.83 -11.72
C HIS D 230 -25.38 24.95 -13.14
N ALA D 231 -24.11 25.30 -13.33
CA ALA D 231 -23.50 25.35 -14.66
C ALA D 231 -23.60 24.04 -15.45
N GLN D 232 -23.59 22.92 -14.75
CA GLN D 232 -23.71 21.62 -15.40
C GLN D 232 -25.16 21.13 -15.37
N GLN D 233 -25.70 20.80 -16.54
CA GLN D 233 -27.13 20.46 -16.67
C GLN D 233 -27.44 19.10 -17.27
N SER D 234 -26.41 18.31 -17.59
CA SER D 234 -26.61 17.01 -18.25
C SER D 234 -27.40 15.99 -17.44
N ILE D 235 -27.18 15.94 -16.12
CA ILE D 235 -27.94 15.01 -15.27
C ILE D 235 -29.44 15.38 -15.18
N ARG D 236 -29.72 16.67 -15.05
CA ARG D 236 -31.12 17.14 -15.06
C ARG D 236 -31.81 16.79 -16.38
N GLU D 237 -31.14 17.07 -17.49
CA GLU D 237 -31.66 16.72 -18.83
C GLU D 237 -31.88 15.22 -18.98
N LYS D 238 -30.95 14.43 -18.42
CA LYS D 238 -31.04 12.97 -18.44
C LYS D 238 -32.27 12.46 -17.70
N TYR D 239 -32.50 12.99 -16.50
CA TYR D 239 -33.58 12.50 -15.64
C TYR D 239 -34.96 13.13 -15.91
N LYS D 240 -35.08 13.87 -17.02
CA LYS D 240 -36.35 14.35 -17.53
C LYS D 240 -37.08 13.27 -18.32
N ASN D 241 -36.31 12.35 -18.92
CA ASN D 241 -36.87 11.32 -19.79
C ASN D 241 -37.76 10.33 -19.04
N SER D 242 -38.62 9.65 -19.81
CA SER D 242 -39.56 8.66 -19.28
C SER D 242 -38.87 7.50 -18.56
N LYS D 243 -37.69 7.13 -19.08
CA LYS D 243 -36.87 6.06 -18.53
C LYS D 243 -36.74 6.21 -17.01
N TYR D 244 -36.47 7.43 -16.55
CA TYR D 244 -36.28 7.71 -15.13
C TYR D 244 -37.49 8.43 -14.53
N HIS D 245 -38.64 8.30 -15.18
CA HIS D 245 -39.94 8.82 -14.70
C HIS D 245 -39.95 10.32 -14.47
N GLY D 246 -39.28 11.05 -15.36
CA GLY D 246 -39.19 12.51 -15.28
C GLY D 246 -38.97 13.11 -13.90
N VAL D 247 -38.24 12.40 -13.04
CA VAL D 247 -38.04 12.81 -11.64
C VAL D 247 -37.37 14.17 -11.44
N SER D 248 -36.54 14.58 -12.40
CA SER D 248 -35.83 15.87 -12.31
C SER D 248 -36.76 17.08 -12.50
N LEU D 249 -38.01 16.80 -12.87
CA LEU D 249 -39.04 17.83 -12.97
C LEU D 249 -39.81 18.03 -11.65
N LEU D 250 -39.75 17.04 -10.77
CA LEU D 250 -40.41 17.13 -9.46
C LEU D 250 -39.87 18.29 -8.63
N ASN D 251 -40.75 18.97 -7.90
CA ASN D 251 -40.37 20.10 -7.07
C ASN D 251 -39.59 19.69 -5.82
N PRO D 252 -38.40 20.27 -5.62
CA PRO D 252 -37.63 20.03 -4.40
C PRO D 252 -38.35 20.66 -3.20
N PRO D 253 -38.45 19.93 -2.08
CA PRO D 253 -39.19 20.44 -0.94
C PRO D 253 -38.29 21.27 -0.01
N GLU D 254 -38.79 21.54 1.20
CA GLU D 254 -37.97 22.12 2.26
C GLU D 254 -38.07 21.31 3.56
N THR D 255 -36.95 21.28 4.29
CA THR D 255 -36.81 20.53 5.55
C THR D 255 -37.59 19.22 5.62
O1 1RO E . 16.97 20.21 -7.63
C13 1RO E . 17.55 19.16 -7.18
N2 1RO E . 18.78 19.31 -6.72
C15 1RO E . 19.24 18.13 -6.28
N3 1RO E . 20.50 18.17 -5.82
C18 1RO E . 21.33 19.34 -6.11
C19 1RO E . 20.97 20.08 -7.41
C23 1RO E . 20.44 21.33 -7.71
C22 1RO E . 20.28 21.55 -9.08
C21 1RO E . 20.67 20.51 -9.92
S2 1RO E . 21.25 19.24 -8.89
S1 1RO E . 18.15 16.77 -6.41
C12 1RO E . 16.94 17.81 -7.11
C11 1RO E . 15.57 17.41 -7.55
C1 1RO E . 14.73 18.51 -8.12
C6 1RO E . 13.34 18.53 -7.97
C5 1RO E . 12.58 19.59 -8.50
C4 1RO E . 13.20 20.62 -9.19
N1 1RO E . 12.49 21.66 -9.71
C9 1RO E . 13.11 22.65 -10.38
C8 1RO E . 14.50 22.66 -10.56
C7 1RO E . 15.30 21.64 -10.05
C3 1RO E . 14.66 20.61 -9.36
C2 1RO E . 15.37 19.54 -8.82
C1 SGM F . 7.39 0.11 6.09
C2 SGM F . 7.07 1.47 5.46
O2 SGM F . 7.91 2.52 5.94
C3 SGM F . 5.62 1.85 5.73
O3 SGM F . 4.80 1.05 4.88
S1 SGM F . 9.03 -0.01 6.88
O1 1RO G . -4.15 -23.63 -13.28
C13 1RO G . -4.67 -22.60 -13.84
N2 1RO G . -5.66 -22.81 -14.70
C15 1RO G . -6.09 -21.64 -15.19
N3 1RO G . -7.08 -21.72 -16.10
C18 1RO G . -7.34 -23.01 -16.74
C19 1RO G . -6.14 -23.95 -16.83
C23 1RO G . -5.82 -25.17 -16.22
C22 1RO G . -4.58 -25.67 -16.62
C21 1RO G . -3.87 -24.91 -17.54
S2 1RO G . -4.85 -23.51 -17.87
S1 1RO G . -5.28 -20.21 -14.58
C12 1RO G . -4.26 -21.20 -13.58
C11 1RO G . -3.18 -20.73 -12.66
C1 1RO G . -2.44 -21.79 -11.91
C6 1RO G . -1.95 -21.58 -10.61
C5 1RO G . -1.25 -22.59 -9.93
C4 1RO G . -1.02 -23.83 -10.54
N1 1RO G . -0.34 -24.83 -9.92
C9 1RO G . -0.15 -26.01 -10.53
C8 1RO G . -0.60 -26.26 -11.83
C7 1RO G . -1.30 -25.27 -12.54
C3 1RO G . -1.52 -24.05 -11.91
C2 1RO G . -2.20 -23.01 -12.54
MG MG H . -6.34 23.03 -8.00
#